data_7CII
#
_entry.id   7CII
#
_cell.length_a   125.322
_cell.length_b   147.588
_cell.length_c   54.011
_cell.angle_alpha   90.00
_cell.angle_beta   99.64
_cell.angle_gamma   90.00
#
_symmetry.space_group_name_H-M   'C 1 2 1'
#
loop_
_entity.id
_entity.type
_entity.pdbx_description
1 polymer 'L-methionine decarboxylase'
2 non-polymer 'methyl (2S)-2-[(E)-[2-methyl-3-oxidanyl-5-(phosphonooxymethyl)pyridin-4-yl]methylideneamino]-4-methylsulfanyl-butanoate'
3 water water
#
_entity_poly.entity_id   1
_entity_poly.type   'polypeptide(L)'
_entity_poly.pdbx_seq_one_letter_code
;MSPTAFPAAETATAPATAVDPGPELDGGDFALPEGGLDDDRRLRALDAVDEYLTRKRKHLVGYQATQDMQGTALDLARFM
PNNINNLGDPFQSGGYKPNTKVVERAVLDYYAKLWHAERPHDPADPESYWGYMLSMGSTEGNMYALWNARDYLSGKALIQ
PPTAPFDAVRYVKADPDRRNPNAHHPVAFYSEDTHYSFAKAVAVLGVETFHAVGLEKYADECPLVDPVTGLRTWPTEVPS
RPGPSGLSWDGPGEIDVDALAVLVEFFAAKGHPVFVNLNLGSTFKGAHDDVRAVCERLLPIFERHGLVQREVVYGSCPQT
GRPLVDVRRGFWIHVDGALGAGYAPFLRLAAEDPEGYGWTPEAELPEFDFGLRLPTAGHGEVDMVSSIAMSGHKWAGAPW
PCGIYMTKVKYQISPPSQPDYIGAPDTTFAGSRNGFSPLILWDHLSRYSYRDQVERIREAQELAAYLERRLTAMERELGV
ELWPARTPGAVTVRFRKPSAELVAKWSLSSQDVLMVPGDETTRRSYVHVFVMPSVDRAKLDALLAELAEDPVILGAP
;
_entity_poly.pdbx_strand_id   A,B
#
loop_
_chem_comp.id
_chem_comp.type
_chem_comp.name
_chem_comp.formula
G06 non-polymer 'methyl (2S)-2-[(E)-[2-methyl-3-oxidanyl-5-(phosphonooxymethyl)pyridin-4-yl]methylideneamino]-4-methylsulfanyl-butanoate' 'C14 H21 N2 O7 P S'
#
# COMPACT_ATOMS: atom_id res chain seq x y z
N GLU A 24 6.41 5.83 -29.40
CA GLU A 24 5.74 6.11 -28.09
C GLU A 24 4.23 6.28 -28.24
N LEU A 25 3.55 6.28 -27.11
CA LEU A 25 2.11 6.50 -27.08
C LEU A 25 1.80 8.00 -27.05
N ASP A 26 0.88 8.42 -27.92
CA ASP A 26 0.41 9.78 -28.06
C ASP A 26 -0.79 10.01 -27.13
N GLY A 27 -0.64 10.93 -26.19
CA GLY A 27 -1.72 11.30 -25.27
C GLY A 27 -3.04 11.66 -25.93
N GLY A 28 -2.99 12.27 -27.12
CA GLY A 28 -4.20 12.58 -27.87
C GLY A 28 -5.14 11.40 -28.12
N ASP A 29 -4.57 10.23 -28.34
CA ASP A 29 -5.35 9.00 -28.56
C ASP A 29 -6.05 8.51 -27.30
N PHE A 30 -5.62 8.98 -26.13
CA PHE A 30 -6.14 8.52 -24.85
C PHE A 30 -6.98 9.51 -24.09
N ALA A 31 -7.07 10.75 -24.55
CA ALA A 31 -7.90 11.75 -23.87
C ALA A 31 -9.34 11.24 -23.83
N LEU A 32 -9.96 11.39 -22.68
CA LEU A 32 -11.30 10.90 -22.38
C LEU A 32 -12.29 12.06 -22.41
N PRO A 33 -13.05 12.17 -23.51
CA PRO A 33 -14.03 13.27 -23.57
C PRO A 33 -15.26 13.07 -22.70
N GLU A 34 -15.95 14.17 -22.41
CA GLU A 34 -17.21 14.11 -21.67
C GLU A 34 -18.17 13.11 -22.27
N GLY A 35 -18.21 13.04 -23.59
CA GLY A 35 -19.14 12.19 -24.30
C GLY A 35 -18.77 10.74 -24.49
N GLY A 36 -17.60 10.33 -24.01
CA GLY A 36 -17.11 8.98 -24.19
C GLY A 36 -16.42 8.85 -25.54
N LEU A 37 -15.79 7.69 -25.75
CA LEU A 37 -15.18 7.31 -27.01
C LEU A 37 -16.02 6.20 -27.66
N ASP A 38 -16.14 6.22 -28.99
CA ASP A 38 -16.76 5.10 -29.70
C ASP A 38 -15.87 3.85 -29.78
N ASP A 39 -16.48 2.74 -30.18
CA ASP A 39 -15.80 1.45 -30.22
C ASP A 39 -14.54 1.50 -31.09
N ASP A 40 -14.57 2.27 -32.19
CA ASP A 40 -13.40 2.35 -33.07
C ASP A 40 -12.22 3.10 -32.45
N ARG A 41 -12.48 4.26 -31.84
CA ARG A 41 -11.42 4.98 -31.13
C ARG A 41 -10.91 4.18 -29.95
N ARG A 42 -11.81 3.47 -29.25
CA ARG A 42 -11.39 2.71 -28.08
C ARG A 42 -10.44 1.58 -28.51
N LEU A 43 -10.80 0.86 -29.57
CA LEU A 43 -9.97 -0.26 -30.00
C LEU A 43 -8.63 0.22 -30.56
N ARG A 44 -8.67 1.31 -31.31
CA ARG A 44 -7.43 1.88 -31.83
C ARG A 44 -6.43 2.19 -30.70
N ALA A 45 -6.94 2.78 -29.62
CA ALA A 45 -6.09 3.15 -28.48
C ALA A 45 -5.55 1.91 -27.78
N LEU A 46 -6.42 0.93 -27.55
CA LEU A 46 -5.99 -0.28 -26.87
C LEU A 46 -5.01 -1.06 -27.73
N ASP A 47 -5.22 -1.09 -29.04
CA ASP A 47 -4.23 -1.68 -29.94
C ASP A 47 -2.88 -0.94 -29.85
N ALA A 48 -2.88 0.39 -29.79
CA ALA A 48 -1.61 1.14 -29.66
C ALA A 48 -0.89 0.76 -28.35
N VAL A 49 -1.65 0.65 -27.26
CA VAL A 49 -1.06 0.24 -25.97
C VAL A 49 -0.47 -1.15 -26.07
N ASP A 50 -1.22 -2.06 -26.68
CA ASP A 50 -0.73 -3.45 -26.80
C ASP A 50 0.54 -3.51 -27.64
N GLU A 51 0.56 -2.81 -28.76
CA GLU A 51 1.72 -2.82 -29.63
C GLU A 51 2.95 -2.26 -28.90
N TYR A 52 2.75 -1.19 -28.12
CA TYR A 52 3.82 -0.61 -27.33
C TYR A 52 4.30 -1.58 -26.24
N LEU A 53 3.38 -2.06 -25.41
CA LEU A 53 3.77 -2.95 -24.30
C LEU A 53 4.40 -4.23 -24.79
N THR A 54 3.88 -4.80 -25.88
CA THR A 54 4.38 -6.05 -26.39
C THR A 54 5.82 -5.88 -26.87
N ARG A 55 6.11 -4.80 -27.60
CA ARG A 55 7.47 -4.55 -28.06
C ARG A 55 8.41 -4.39 -26.86
N LYS A 56 8.00 -3.59 -25.89
CA LYS A 56 8.85 -3.32 -24.74
C LYS A 56 9.02 -4.57 -23.88
N ARG A 57 7.96 -5.35 -23.67
CA ARG A 57 8.09 -6.52 -22.79
C ARG A 57 9.03 -7.54 -23.37
N LYS A 58 9.03 -7.68 -24.70
CA LYS A 58 9.89 -8.66 -25.34
C LYS A 58 11.38 -8.32 -25.27
N HIS A 59 11.71 -7.03 -25.09
CA HIS A 59 13.09 -6.59 -25.01
C HIS A 59 13.52 -6.16 -23.62
N LEU A 60 12.64 -6.18 -22.62
CA LEU A 60 13.07 -5.71 -21.30
C LEU A 60 14.09 -6.70 -20.74
N VAL A 61 15.28 -6.20 -20.42
CA VAL A 61 16.25 -7.01 -19.72
C VAL A 61 16.92 -6.26 -18.57
N GLY A 62 16.53 -5.02 -18.28
CA GLY A 62 17.24 -4.20 -17.32
C GLY A 62 16.64 -4.11 -15.95
N TYR A 63 15.51 -4.80 -15.71
CA TYR A 63 14.84 -4.76 -14.41
C TYR A 63 14.57 -6.18 -13.94
N GLN A 64 14.49 -6.36 -12.62
CA GLN A 64 14.32 -7.68 -11.99
C GLN A 64 12.84 -8.09 -11.99
N ALA A 65 12.28 -8.20 -13.19
CA ALA A 65 10.88 -8.48 -13.39
C ALA A 65 10.72 -9.51 -14.49
N THR A 66 10.23 -10.69 -14.15
CA THR A 66 10.00 -11.75 -15.14
C THR A 66 8.89 -11.31 -16.09
N GLN A 67 9.16 -11.41 -17.40
CA GLN A 67 8.28 -10.84 -18.43
C GLN A 67 7.41 -11.84 -19.13
N ASP A 68 7.64 -13.13 -18.92
CA ASP A 68 6.84 -14.16 -19.58
C ASP A 68 5.86 -14.85 -18.64
N MET A 69 4.55 -14.65 -18.86
N MET A 69 4.56 -14.68 -18.95
CA MET A 69 3.48 -15.45 -18.24
CA MET A 69 3.40 -15.22 -18.23
C MET A 69 2.26 -15.58 -19.20
C MET A 69 2.24 -15.52 -19.23
N GLN A 70 2.51 -16.20 -20.35
CA GLN A 70 1.43 -16.49 -21.34
C GLN A 70 0.44 -17.56 -20.83
N GLY A 71 0.99 -18.58 -20.15
CA GLY A 71 0.19 -19.65 -19.53
C GLY A 71 -0.75 -19.13 -18.46
N THR A 72 -0.25 -18.19 -17.67
CA THR A 72 -1.06 -17.64 -16.59
C THR A 72 -2.21 -16.79 -17.19
N ALA A 73 -1.95 -16.05 -18.27
CA ALA A 73 -2.99 -15.30 -18.98
C ALA A 73 -4.09 -16.20 -19.54
N LEU A 74 -3.70 -17.29 -20.20
CA LEU A 74 -4.70 -18.27 -20.66
C LEU A 74 -5.51 -18.85 -19.50
N ASP A 75 -4.83 -19.20 -18.40
CA ASP A 75 -5.53 -19.80 -17.26
C ASP A 75 -6.46 -18.85 -16.51
N LEU A 76 -6.07 -17.57 -16.41
CA LEU A 76 -6.66 -16.68 -15.41
C LEU A 76 -7.46 -15.48 -15.94
N ALA A 77 -7.42 -15.21 -17.25
CA ALA A 77 -8.25 -14.15 -17.83
C ALA A 77 -9.73 -14.26 -17.47
N ARG A 78 -10.22 -15.50 -17.36
CA ARG A 78 -11.59 -15.80 -16.92
C ARG A 78 -12.04 -15.12 -15.63
N PHE A 79 -11.08 -14.74 -14.76
CA PHE A 79 -11.41 -14.11 -13.49
C PHE A 79 -11.60 -12.59 -13.53
N MET A 80 -11.26 -11.98 -14.65
N MET A 80 -11.22 -12.00 -14.67
CA MET A 80 -11.36 -10.52 -14.76
CA MET A 80 -11.33 -10.55 -14.89
C MET A 80 -12.74 -9.92 -14.55
C MET A 80 -12.71 -9.94 -14.59
N PRO A 81 -13.81 -10.69 -14.84
CA PRO A 81 -15.14 -10.19 -14.49
C PRO A 81 -15.47 -10.04 -13.00
N ASN A 82 -14.62 -10.55 -12.09
CA ASN A 82 -14.91 -10.55 -10.68
C ASN A 82 -14.21 -9.41 -9.97
N ASN A 83 -14.96 -8.72 -9.11
CA ASN A 83 -14.38 -7.73 -8.23
C ASN A 83 -13.97 -8.49 -6.96
N ILE A 84 -12.77 -9.08 -7.01
CA ILE A 84 -12.32 -9.93 -5.94
C ILE A 84 -11.73 -9.05 -4.85
N ASN A 85 -11.98 -9.37 -3.60
CA ASN A 85 -11.42 -8.56 -2.51
C ASN A 85 -11.11 -9.42 -1.33
N ASN A 86 -9.83 -9.47 -0.95
CA ASN A 86 -9.39 -10.25 0.20
C ASN A 86 -9.25 -9.36 1.41
N LEU A 87 -10.34 -8.70 1.70
CA LEU A 87 -10.50 -7.76 2.78
C LEU A 87 -10.27 -8.45 4.10
N GLY A 88 -9.37 -7.88 4.90
CA GLY A 88 -9.06 -8.41 6.22
C GLY A 88 -8.03 -9.53 6.23
N ASP A 89 -7.84 -10.07 7.43
CA ASP A 89 -6.84 -11.10 7.67
C ASP A 89 -7.05 -12.31 6.73
N PRO A 90 -5.96 -12.93 6.23
CA PRO A 90 -6.16 -14.07 5.33
C PRO A 90 -6.78 -15.32 5.98
N PHE A 91 -6.69 -15.41 7.32
CA PHE A 91 -7.08 -16.62 8.02
C PHE A 91 -8.48 -16.58 8.60
N GLN A 92 -9.28 -15.61 8.19
CA GLN A 92 -10.76 -15.67 8.39
C GLN A 92 -11.43 -15.07 7.18
N SER A 93 -12.55 -15.64 6.73
CA SER A 93 -13.13 -15.23 5.44
C SER A 93 -13.61 -13.76 5.41
N GLY A 94 -14.46 -13.42 6.40
CA GLY A 94 -15.13 -12.13 6.48
C GLY A 94 -16.38 -12.07 5.61
N GLY A 95 -16.99 -10.91 5.57
CA GLY A 95 -18.28 -10.77 4.92
C GLY A 95 -18.25 -10.62 3.41
N TYR A 96 -17.11 -10.27 2.82
CA TYR A 96 -17.02 -10.02 1.39
C TYR A 96 -16.72 -11.38 0.76
N LYS A 97 -17.78 -12.09 0.34
CA LYS A 97 -17.61 -13.48 -0.08
C LYS A 97 -16.87 -13.72 -1.41
N PRO A 98 -16.91 -12.78 -2.38
CA PRO A 98 -16.05 -12.97 -3.56
C PRO A 98 -14.57 -12.70 -3.22
N ASN A 99 -13.96 -13.68 -2.55
CA ASN A 99 -12.58 -13.57 -2.12
C ASN A 99 -11.89 -14.91 -2.39
N THR A 100 -10.57 -14.86 -2.46
CA THR A 100 -9.74 -16.02 -2.73
C THR A 100 -8.86 -16.35 -1.55
N LYS A 101 -9.32 -16.12 -0.32
CA LYS A 101 -8.44 -16.35 0.82
C LYS A 101 -8.03 -17.82 0.93
N VAL A 102 -8.86 -18.76 0.48
CA VAL A 102 -8.45 -20.20 0.47
C VAL A 102 -7.19 -20.38 -0.39
N VAL A 103 -7.15 -19.70 -1.54
CA VAL A 103 -6.01 -19.75 -2.44
C VAL A 103 -4.81 -19.01 -1.84
N GLU A 104 -5.09 -17.85 -1.25
CA GLU A 104 -4.06 -17.06 -0.59
C GLU A 104 -3.34 -17.89 0.47
N ARG A 105 -4.12 -18.61 1.27
CA ARG A 105 -3.54 -19.46 2.31
C ARG A 105 -2.68 -20.58 1.72
N ALA A 106 -3.08 -21.12 0.58
CA ALA A 106 -2.27 -22.16 -0.08
C ALA A 106 -0.93 -21.61 -0.53
N VAL A 107 -0.93 -20.39 -1.05
CA VAL A 107 0.29 -19.74 -1.48
C VAL A 107 1.18 -19.41 -0.30
N LEU A 108 0.61 -18.85 0.75
CA LEU A 108 1.37 -18.54 1.95
C LEU A 108 1.97 -19.82 2.57
N ASP A 109 1.18 -20.90 2.57
CA ASP A 109 1.66 -22.20 3.10
C ASP A 109 2.87 -22.70 2.30
N TYR A 110 2.84 -22.54 0.97
CA TYR A 110 3.93 -22.98 0.12
C TYR A 110 5.21 -22.22 0.46
N TYR A 111 5.13 -20.88 0.54
CA TYR A 111 6.31 -20.09 0.89
C TYR A 111 6.76 -20.30 2.33
N ALA A 112 5.81 -20.52 3.25
CA ALA A 112 6.16 -20.83 4.65
C ALA A 112 7.06 -22.07 4.65
N LYS A 113 6.64 -23.10 3.93
CA LYS A 113 7.48 -24.32 3.85
C LYS A 113 8.83 -24.02 3.20
N LEU A 114 8.81 -23.25 2.13
CA LEU A 114 10.02 -22.97 1.37
C LEU A 114 11.05 -22.21 2.23
N TRP A 115 10.54 -21.34 3.10
CA TRP A 115 11.34 -20.50 4.01
C TRP A 115 11.50 -21.11 5.42
N HIS A 116 11.16 -22.40 5.56
CA HIS A 116 11.34 -23.14 6.85
C HIS A 116 10.65 -22.48 8.05
N ALA A 117 9.51 -21.86 7.76
CA ALA A 117 8.59 -21.39 8.79
C ALA A 117 7.76 -22.56 9.32
N GLU A 118 7.13 -22.36 10.46
CA GLU A 118 6.32 -23.39 11.10
C GLU A 118 4.89 -23.25 10.62
N ARG A 119 4.31 -24.35 10.12
CA ARG A 119 2.93 -24.33 9.62
C ARG A 119 2.15 -25.46 10.27
N PRO A 120 0.82 -25.39 10.28
CA PRO A 120 0.01 -24.29 9.78
C PRO A 120 0.09 -23.05 10.68
N HIS A 121 -0.35 -21.92 10.13
CA HIS A 121 -0.61 -20.76 10.95
C HIS A 121 -1.60 -21.19 12.04
N ASP A 122 -1.28 -20.84 13.28
CA ASP A 122 -2.13 -21.17 14.42
C ASP A 122 -2.01 -20.06 15.43
N PRO A 123 -3.10 -19.31 15.68
CA PRO A 123 -2.99 -18.20 16.64
C PRO A 123 -2.59 -18.62 18.06
N ALA A 124 -2.78 -19.90 18.40
CA ALA A 124 -2.34 -20.47 19.67
C ALA A 124 -0.87 -20.89 19.72
N ASP A 125 -0.18 -20.87 18.57
CA ASP A 125 1.22 -21.29 18.50
C ASP A 125 2.09 -20.07 18.16
N PRO A 126 2.78 -19.51 19.16
CA PRO A 126 3.56 -18.29 18.96
C PRO A 126 4.64 -18.45 17.90
N GLU A 127 5.12 -19.69 17.70
CA GLU A 127 6.16 -19.96 16.74
C GLU A 127 5.66 -20.16 15.32
N SER A 128 4.35 -20.27 15.15
CA SER A 128 3.81 -20.53 13.82
C SER A 128 3.85 -19.26 12.97
N TYR A 129 3.86 -19.45 11.66
CA TYR A 129 3.93 -18.28 10.80
C TYR A 129 2.62 -17.49 10.84
N TRP A 130 2.74 -16.20 10.56
CA TRP A 130 1.62 -15.38 10.08
C TRP A 130 2.13 -14.55 8.91
N GLY A 131 1.29 -14.37 7.89
CA GLY A 131 1.67 -13.48 6.81
C GLY A 131 0.48 -13.19 5.96
N TYR A 132 0.70 -12.40 4.91
CA TYR A 132 -0.39 -12.04 4.02
C TYR A 132 0.16 -11.59 2.69
N MET A 133 -0.71 -11.58 1.68
CA MET A 133 -0.31 -11.16 0.36
C MET A 133 -0.54 -9.65 0.15
N LEU A 134 0.46 -9.03 -0.45
CA LEU A 134 0.59 -7.61 -0.62
C LEU A 134 -0.20 -7.12 -1.83
N SER A 135 -0.75 -5.92 -1.71
CA SER A 135 -1.47 -5.25 -2.81
C SER A 135 -0.60 -4.23 -3.55
N MET A 136 0.35 -3.62 -2.86
CA MET A 136 1.47 -2.97 -3.54
C MET A 136 2.53 -4.07 -3.80
N GLY A 137 3.73 -3.66 -4.18
CA GLY A 137 4.84 -4.59 -4.18
C GLY A 137 5.53 -4.75 -2.85
N SER A 138 6.82 -5.12 -2.89
CA SER A 138 7.58 -5.29 -1.63
C SER A 138 7.67 -4.01 -0.80
N THR A 139 7.42 -2.84 -1.40
CA THR A 139 7.31 -1.63 -0.59
C THR A 139 6.33 -1.82 0.55
N GLU A 140 5.19 -2.44 0.26
CA GLU A 140 4.19 -2.71 1.32
C GLU A 140 4.78 -3.64 2.41
N GLY A 141 5.54 -4.63 1.99
CA GLY A 141 6.12 -5.62 2.92
C GLY A 141 7.19 -5.01 3.81
N ASN A 142 8.00 -4.14 3.22
CA ASN A 142 9.02 -3.42 3.99
C ASN A 142 8.41 -2.41 4.94
N MET A 143 7.39 -1.68 4.47
CA MET A 143 6.66 -0.76 5.33
C MET A 143 6.00 -1.52 6.47
N TYR A 144 5.38 -2.64 6.17
CA TYR A 144 4.73 -3.41 7.21
C TYR A 144 5.75 -3.97 8.21
N ALA A 145 6.86 -4.49 7.69
CA ALA A 145 7.90 -5.01 8.54
C ALA A 145 8.38 -3.96 9.55
N LEU A 146 8.65 -2.78 9.05
CA LEU A 146 9.20 -1.73 9.90
C LEU A 146 8.14 -1.19 10.88
N TRP A 147 6.88 -1.19 10.46
CA TRP A 147 5.78 -0.81 11.34
C TRP A 147 5.67 -1.82 12.50
N ASN A 148 5.62 -3.09 12.12
CA ASN A 148 5.56 -4.22 13.04
C ASN A 148 6.73 -4.18 14.01
N ALA A 149 7.93 -3.94 13.50
CA ALA A 149 9.13 -3.88 14.33
C ALA A 149 9.13 -2.66 15.26
N ARG A 150 8.81 -1.50 14.70
CA ARG A 150 8.70 -0.27 15.50
C ARG A 150 7.82 -0.55 16.70
N ASP A 151 6.62 -1.08 16.46
CA ASP A 151 5.65 -1.26 17.55
C ASP A 151 6.08 -2.38 18.50
N TYR A 152 6.66 -3.45 17.96
CA TYR A 152 7.08 -4.58 18.80
C TYR A 152 8.24 -4.16 19.71
N LEU A 153 9.20 -3.43 19.15
CA LEU A 153 10.38 -3.00 19.87
C LEU A 153 10.11 -1.83 20.81
N SER A 154 9.08 -1.05 20.55
CA SER A 154 8.75 0.12 21.38
C SER A 154 7.74 -0.20 22.48
N GLY A 155 7.25 -1.43 22.56
CA GLY A 155 6.30 -1.84 23.61
C GLY A 155 4.83 -1.63 23.38
N LYS A 156 4.38 -1.48 22.14
CA LYS A 156 2.94 -1.49 21.83
C LYS A 156 2.33 -2.86 22.09
N ALA A 157 1.03 -2.90 22.40
CA ALA A 157 0.38 -4.16 22.77
C ALA A 157 0.39 -5.18 21.62
N LEU A 158 0.69 -6.43 21.95
CA LEU A 158 0.66 -7.52 20.97
C LEU A 158 -0.75 -8.02 20.78
N ILE A 159 -0.95 -8.81 19.73
CA ILE A 159 -2.27 -9.29 19.39
C ILE A 159 -2.79 -10.18 20.50
N GLN A 160 -4.08 -10.11 20.77
CA GLN A 160 -4.68 -10.93 21.84
C GLN A 160 -4.66 -12.41 21.41
N PRO A 161 -3.96 -13.30 22.16
CA PRO A 161 -4.09 -14.73 21.84
C PRO A 161 -5.50 -15.30 22.17
N PRO A 162 -5.80 -16.56 21.75
CA PRO A 162 -7.16 -17.12 21.95
C PRO A 162 -7.60 -17.19 23.42
N ARG A 179 18.75 2.56 35.26
CA ARG A 179 17.69 2.09 34.35
C ARG A 179 18.06 2.45 32.89
N ASN A 180 17.06 2.61 31.99
CA ASN A 180 17.31 2.74 30.55
C ASN A 180 16.35 3.71 29.83
N PRO A 181 16.78 4.97 29.63
CA PRO A 181 15.96 5.94 28.91
C PRO A 181 15.78 5.62 27.41
N ASN A 182 16.58 4.70 26.87
CA ASN A 182 16.53 4.34 25.45
C ASN A 182 15.76 3.07 25.14
N ALA A 183 15.15 2.46 26.16
CA ALA A 183 14.46 1.16 26.03
C ALA A 183 13.37 1.15 24.96
N HIS A 184 12.72 2.29 24.76
CA HIS A 184 11.61 2.41 23.82
C HIS A 184 11.94 3.20 22.54
N HIS A 185 13.23 3.32 22.22
CA HIS A 185 13.72 4.12 21.10
C HIS A 185 14.50 3.18 20.16
N PRO A 186 13.79 2.46 19.28
CA PRO A 186 14.52 1.53 18.39
C PRO A 186 15.34 2.30 17.36
N VAL A 187 16.44 1.67 16.92
CA VAL A 187 17.35 2.27 15.94
C VAL A 187 17.44 1.30 14.76
N ALA A 188 17.34 1.85 13.55
CA ALA A 188 17.37 1.04 12.30
C ALA A 188 18.73 1.05 11.63
N PHE A 189 19.13 -0.13 11.18
CA PHE A 189 20.40 -0.35 10.49
C PHE A 189 20.16 -1.09 9.17
N TYR A 190 20.81 -0.62 8.10
CA TYR A 190 20.82 -1.34 6.82
C TYR A 190 21.93 -0.77 5.98
N SER A 191 22.34 -1.50 4.95
CA SER A 191 23.48 -1.13 4.15
C SER A 191 23.18 -0.01 3.15
N GLU A 192 24.26 0.52 2.57
CA GLU A 192 24.12 1.50 1.49
C GLU A 192 23.51 0.99 0.20
N ASP A 193 23.37 -0.32 0.05
CA ASP A 193 22.72 -0.91 -1.13
C ASP A 193 21.22 -1.17 -0.88
N THR A 194 20.71 -0.72 0.26
CA THR A 194 19.30 -0.91 0.58
C THR A 194 18.39 -0.11 -0.34
N HIS A 195 17.27 -0.73 -0.72
CA HIS A 195 16.30 -0.10 -1.61
C HIS A 195 15.67 1.14 -0.98
N TYR A 196 15.31 2.09 -1.83
CA TYR A 196 14.72 3.39 -1.40
C TYR A 196 13.42 3.31 -0.61
N SER A 197 12.69 2.20 -0.71
CA SER A 197 11.54 1.98 0.15
C SER A 197 11.84 2.07 1.64
N PHE A 198 13.08 1.77 2.04
CA PHE A 198 13.43 1.93 3.45
C PHE A 198 13.55 3.37 3.90
N ALA A 199 14.17 4.22 3.08
CA ALA A 199 14.21 5.65 3.41
C ALA A 199 12.80 6.21 3.51
N LYS A 200 11.94 5.77 2.59
CA LYS A 200 10.54 6.13 2.63
C LYS A 200 9.84 5.59 3.87
N ALA A 201 9.96 4.30 4.14
CA ALA A 201 9.35 3.70 5.33
C ALA A 201 9.78 4.36 6.64
N VAL A 202 11.06 4.64 6.78
CA VAL A 202 11.60 5.32 7.96
C VAL A 202 10.95 6.68 8.16
N ALA A 203 10.79 7.42 7.07
CA ALA A 203 10.16 8.76 7.14
C ALA A 203 8.65 8.65 7.46
N VAL A 204 7.97 7.70 6.83
CA VAL A 204 6.55 7.45 7.11
C VAL A 204 6.27 7.11 8.57
N LEU A 205 7.06 6.17 9.08
CA LEU A 205 6.85 5.56 10.36
C LEU A 205 7.53 6.28 11.54
N GLY A 206 8.33 7.29 11.23
CA GLY A 206 9.09 8.01 12.27
C GLY A 206 10.08 7.09 12.98
N VAL A 207 10.68 6.17 12.24
CA VAL A 207 11.69 5.31 12.84
C VAL A 207 13.01 6.02 12.66
N GLU A 208 13.87 5.98 13.66
CA GLU A 208 15.14 6.66 13.53
C GLU A 208 16.22 5.72 13.09
N THR A 209 16.99 6.14 12.11
CA THR A 209 18.13 5.38 11.63
C THR A 209 19.29 5.63 12.59
N PHE A 210 20.28 4.76 12.55
CA PHE A 210 21.46 4.94 13.41
C PHE A 210 22.17 6.26 13.09
N HIS A 211 22.17 6.67 11.81
CA HIS A 211 22.78 7.93 11.41
C HIS A 211 22.10 9.12 12.09
N ALA A 212 20.76 9.15 12.09
CA ALA A 212 20.02 10.24 12.73
C ALA A 212 20.24 10.29 14.23
N VAL A 213 20.20 9.14 14.88
CA VAL A 213 20.38 9.07 16.31
C VAL A 213 21.81 9.41 16.68
N GLY A 214 22.76 8.94 15.85
CA GLY A 214 24.18 9.26 16.03
C GLY A 214 24.40 10.76 16.00
N LEU A 215 23.84 11.44 15.00
CA LEU A 215 24.02 12.89 14.88
C LEU A 215 23.36 13.65 16.02
N GLU A 216 22.15 13.23 16.40
CA GLU A 216 21.38 13.93 17.44
C GLU A 216 21.95 13.73 18.84
N LYS A 217 22.18 12.48 19.22
CA LYS A 217 22.50 12.12 20.60
C LYS A 217 23.98 11.83 20.85
N TYR A 218 24.72 11.39 19.83
CA TYR A 218 26.07 10.83 20.02
C TYR A 218 27.04 11.41 18.99
N ALA A 219 26.95 12.73 18.76
CA ALA A 219 27.58 13.35 17.57
C ALA A 219 29.07 13.09 17.41
N ASP A 220 29.81 13.05 18.52
CA ASP A 220 31.27 12.85 18.49
C ASP A 220 31.72 11.42 18.82
N GLU A 221 30.78 10.48 18.87
CA GLU A 221 31.09 9.13 19.31
C GLU A 221 31.06 8.09 18.21
N CYS A 222 31.01 8.49 16.93
CA CYS A 222 30.98 7.47 15.87
C CYS A 222 32.15 6.48 16.03
N PRO A 223 31.85 5.17 16.10
CA PRO A 223 32.94 4.18 16.28
C PRO A 223 33.69 3.80 15.00
N LEU A 224 33.24 4.29 13.85
CA LEU A 224 33.83 3.97 12.56
C LEU A 224 34.61 5.18 12.06
N VAL A 225 35.76 4.90 11.43
CA VAL A 225 36.54 5.93 10.71
C VAL A 225 36.21 5.90 9.21
N ASP A 226 35.85 7.05 8.64
CA ASP A 226 35.56 7.15 7.21
C ASP A 226 36.83 6.85 6.41
N PRO A 227 36.77 5.88 5.46
CA PRO A 227 38.01 5.57 4.73
C PRO A 227 38.52 6.65 3.78
N VAL A 228 37.67 7.61 3.38
CA VAL A 228 38.09 8.69 2.49
C VAL A 228 38.72 9.84 3.26
N THR A 229 38.05 10.28 4.34
CA THR A 229 38.48 11.47 5.06
C THR A 229 39.32 11.19 6.31
N GLY A 230 39.22 9.96 6.85
CA GLY A 230 39.86 9.60 8.10
C GLY A 230 39.20 10.14 9.36
N LEU A 231 38.04 10.80 9.22
CA LEU A 231 37.30 11.39 10.33
C LEU A 231 36.23 10.40 10.83
N ARG A 232 35.82 10.55 12.09
CA ARG A 232 34.80 9.72 12.69
C ARG A 232 33.42 10.34 12.44
N THR A 233 33.03 10.42 11.18
CA THR A 233 31.75 10.98 10.81
C THR A 233 30.76 9.83 10.67
N TRP A 234 29.56 10.03 11.20
CA TRP A 234 28.53 9.00 11.11
C TRP A 234 28.15 8.80 9.64
N PRO A 235 28.29 7.58 9.11
CA PRO A 235 27.87 7.35 7.72
C PRO A 235 26.34 7.30 7.64
N THR A 236 25.78 7.60 6.45
CA THR A 236 24.36 7.69 6.33
C THR A 236 23.66 6.33 6.34
N GLU A 237 24.37 5.29 5.93
CA GLU A 237 23.92 3.89 6.03
C GLU A 237 25.09 3.03 6.44
N VAL A 238 24.81 1.79 6.79
CA VAL A 238 25.91 0.89 7.17
C VAL A 238 26.75 0.67 5.92
N PRO A 239 28.08 0.79 6.03
CA PRO A 239 28.90 0.56 4.84
C PRO A 239 28.69 -0.82 4.22
N SER A 240 28.73 -0.85 2.89
CA SER A 240 28.84 -2.08 2.15
C SER A 240 30.31 -2.38 1.93
N ARG A 241 30.61 -3.60 1.51
CA ARG A 241 31.99 -4.06 1.40
C ARG A 241 32.72 -3.30 0.27
N PRO A 242 34.01 -3.01 0.45
CA PRO A 242 34.76 -2.31 -0.59
C PRO A 242 35.06 -3.15 -1.81
N GLY A 243 35.22 -2.48 -2.95
CA GLY A 243 35.75 -3.12 -4.14
C GLY A 243 37.24 -2.83 -4.31
N PRO A 244 37.77 -3.08 -5.51
CA PRO A 244 39.19 -2.75 -5.80
C PRO A 244 39.62 -1.31 -5.50
N SER A 245 38.71 -0.37 -5.66
CA SER A 245 38.93 1.04 -5.32
C SER A 245 39.19 1.32 -3.85
N GLY A 246 38.83 0.38 -2.97
CA GLY A 246 38.84 0.57 -1.52
C GLY A 246 37.56 1.19 -0.98
N LEU A 247 36.62 1.47 -1.88
CA LEU A 247 35.36 2.12 -1.54
C LEU A 247 34.22 1.25 -2.02
N SER A 248 33.01 1.55 -1.58
CA SER A 248 31.90 0.63 -1.85
C SER A 248 31.37 0.70 -3.30
N TRP A 249 31.63 1.78 -4.03
CA TRP A 249 30.99 1.93 -5.34
C TRP A 249 31.27 0.73 -6.27
N ASP A 250 32.48 0.16 -6.23
CA ASP A 250 32.79 -1.03 -7.06
C ASP A 250 32.87 -2.30 -6.25
N GLY A 251 32.34 -2.27 -5.02
CA GLY A 251 32.19 -3.47 -4.21
C GLY A 251 31.04 -4.34 -4.64
N PRO A 252 30.88 -5.50 -3.97
CA PRO A 252 29.85 -6.48 -4.33
C PRO A 252 28.41 -6.04 -4.03
N GLY A 253 28.23 -5.08 -3.12
CA GLY A 253 26.92 -4.62 -2.69
C GLY A 253 26.40 -5.29 -1.44
N GLU A 254 27.23 -6.10 -0.81
CA GLU A 254 26.91 -6.81 0.42
C GLU A 254 27.26 -5.95 1.61
N ILE A 255 26.45 -6.00 2.64
CA ILE A 255 26.75 -5.28 3.88
C ILE A 255 28.09 -5.73 4.49
N ASP A 256 28.83 -4.77 5.02
CA ASP A 256 30.08 -5.03 5.74
C ASP A 256 29.70 -5.48 7.17
N VAL A 257 29.86 -6.77 7.41
CA VAL A 257 29.37 -7.40 8.64
C VAL A 257 30.11 -6.84 9.84
N ASP A 258 31.43 -6.61 9.70
N ASP A 258 31.41 -6.58 9.72
CA ASP A 258 32.23 -5.98 10.75
CA ASP A 258 32.14 -6.01 10.85
C ASP A 258 31.69 -4.62 11.16
C ASP A 258 31.68 -4.59 11.18
N ALA A 259 31.46 -3.77 10.15
CA ALA A 259 30.94 -2.40 10.38
C ALA A 259 29.57 -2.42 11.02
N LEU A 260 28.72 -3.33 10.56
CA LEU A 260 27.39 -3.52 11.16
C LEU A 260 27.49 -3.86 12.66
N ALA A 261 28.35 -4.83 12.95
CA ALA A 261 28.53 -5.31 14.33
C ALA A 261 29.05 -4.20 15.25
N VAL A 262 29.96 -3.37 14.74
CA VAL A 262 30.50 -2.25 15.51
C VAL A 262 29.40 -1.23 15.83
N LEU A 263 28.62 -0.89 14.82
CA LEU A 263 27.49 0.04 14.97
C LEU A 263 26.40 -0.50 15.88
N VAL A 264 25.99 -1.74 15.67
CA VAL A 264 24.92 -2.34 16.50
C VAL A 264 25.39 -2.40 17.98
N GLU A 265 26.61 -2.84 18.22
CA GLU A 265 27.16 -2.88 19.60
C GLU A 265 27.06 -1.50 20.24
N PHE A 266 27.44 -0.47 19.48
CA PHE A 266 27.43 0.89 20.01
C PHE A 266 26.05 1.27 20.55
N PHE A 267 25.00 1.05 19.76
CA PHE A 267 23.66 1.45 20.20
C PHE A 267 23.08 0.46 21.18
N ALA A 268 23.39 -0.84 21.03
CA ALA A 268 22.91 -1.85 21.97
C ALA A 268 23.42 -1.55 23.40
N ALA A 269 24.69 -1.18 23.49
CA ALA A 269 25.30 -0.83 24.80
C ALA A 269 24.64 0.37 25.45
N LYS A 270 24.11 1.28 24.65
CA LYS A 270 23.36 2.46 25.15
C LYS A 270 21.94 2.11 25.62
N GLY A 271 21.46 0.89 25.35
CA GLY A 271 20.13 0.44 25.76
C GLY A 271 19.07 0.46 24.69
N HIS A 272 19.43 0.84 23.46
CA HIS A 272 18.43 0.89 22.37
C HIS A 272 18.11 -0.53 21.87
N PRO A 273 16.83 -0.80 21.57
CA PRO A 273 16.50 -1.97 20.74
C PRO A 273 16.87 -1.68 19.28
N VAL A 274 16.99 -2.74 18.48
CA VAL A 274 17.65 -2.70 17.18
C VAL A 274 16.80 -3.37 16.11
N PHE A 275 16.62 -2.67 15.00
CA PHE A 275 16.05 -3.22 13.77
C PHE A 275 17.15 -3.31 12.72
N VAL A 276 17.32 -4.49 12.12
CA VAL A 276 18.30 -4.66 11.06
C VAL A 276 17.57 -5.18 9.82
N ASN A 277 17.74 -4.49 8.70
CA ASN A 277 17.27 -5.01 7.42
C ASN A 277 18.47 -5.55 6.65
N LEU A 278 18.31 -6.74 6.06
CA LEU A 278 19.35 -7.38 5.25
C LEU A 278 18.77 -7.66 3.87
N ASN A 279 19.56 -7.32 2.85
CA ASN A 279 19.14 -7.41 1.47
C ASN A 279 19.46 -8.76 0.86
N LEU A 280 18.43 -9.46 0.41
CA LEU A 280 18.62 -10.77 -0.24
C LEU A 280 18.31 -10.62 -1.72
N GLY A 281 19.27 -10.05 -2.44
CA GLY A 281 19.09 -9.73 -3.88
C GLY A 281 18.88 -8.24 -4.00
N SER A 282 19.97 -7.48 -3.82
CA SER A 282 19.89 -6.03 -3.76
C SER A 282 19.49 -5.41 -5.12
N THR A 283 18.97 -4.19 -5.07
CA THR A 283 18.33 -3.61 -6.26
C THR A 283 19.23 -3.46 -7.45
N PHE A 284 20.41 -2.88 -7.25
CA PHE A 284 21.26 -2.62 -8.40
C PHE A 284 22.28 -3.72 -8.67
N LYS A 285 22.90 -4.24 -7.62
CA LYS A 285 23.94 -5.24 -7.79
C LYS A 285 23.48 -6.69 -7.57
N GLY A 286 22.24 -6.90 -7.17
CA GLY A 286 21.73 -8.24 -6.94
C GLY A 286 22.46 -9.00 -5.84
N ALA A 287 23.11 -8.27 -4.92
CA ALA A 287 23.91 -8.85 -3.86
C ALA A 287 23.04 -9.50 -2.81
N HIS A 288 23.62 -10.48 -2.11
CA HIS A 288 22.98 -11.17 -1.00
C HIS A 288 23.79 -10.90 0.25
N ASP A 289 23.23 -10.10 1.15
CA ASP A 289 23.84 -9.93 2.48
C ASP A 289 23.98 -11.29 3.11
N ASP A 290 25.07 -11.50 3.86
CA ASP A 290 25.35 -12.80 4.43
C ASP A 290 24.56 -12.88 5.72
N VAL A 291 23.32 -13.30 5.58
CA VAL A 291 22.38 -13.26 6.72
C VAL A 291 22.89 -14.14 7.88
N ARG A 292 23.40 -15.32 7.55
CA ARG A 292 23.93 -16.23 8.57
C ARG A 292 25.11 -15.58 9.29
N ALA A 293 26.06 -15.00 8.55
CA ALA A 293 27.22 -14.32 9.19
C ALA A 293 26.79 -13.18 10.08
N VAL A 294 25.83 -12.38 9.61
CA VAL A 294 25.30 -11.28 10.42
C VAL A 294 24.71 -11.81 11.73
N CYS A 295 23.89 -12.85 11.64
CA CYS A 295 23.21 -13.41 12.79
C CYS A 295 24.21 -13.97 13.80
N GLU A 296 25.21 -14.70 13.29
CA GLU A 296 26.27 -15.23 14.15
C GLU A 296 27.04 -14.12 14.86
N ARG A 297 27.30 -13.03 14.15
N ARG A 297 27.31 -13.03 14.14
CA ARG A 297 28.07 -11.94 14.70
CA ARG A 297 28.06 -11.93 14.70
C ARG A 297 27.25 -11.10 15.69
C ARG A 297 27.24 -11.14 15.72
N LEU A 298 25.96 -10.93 15.43
CA LEU A 298 25.12 -10.10 16.32
C LEU A 298 24.59 -10.80 17.55
N LEU A 299 24.36 -12.12 17.49
CA LEU A 299 23.75 -12.78 18.65
C LEU A 299 24.54 -12.53 19.97
N PRO A 300 25.88 -12.65 19.95
CA PRO A 300 26.62 -12.37 21.21
C PRO A 300 26.48 -10.96 21.74
N ILE A 301 26.35 -9.99 20.83
CA ILE A 301 26.07 -8.61 21.17
C ILE A 301 24.70 -8.48 21.84
N PHE A 302 23.70 -9.16 21.27
CA PHE A 302 22.36 -9.13 21.84
C PHE A 302 22.35 -9.79 23.23
N GLU A 303 23.07 -10.89 23.38
CA GLU A 303 23.13 -11.57 24.68
C GLU A 303 23.82 -10.69 25.72
N ARG A 304 24.91 -10.05 25.34
CA ARG A 304 25.67 -9.17 26.25
C ARG A 304 24.84 -8.00 26.78
N HIS A 305 23.94 -7.47 25.95
CA HIS A 305 23.19 -6.27 26.28
C HIS A 305 21.73 -6.50 26.56
N GLY A 306 21.37 -7.76 26.79
CA GLY A 306 20.07 -8.11 27.30
C GLY A 306 18.98 -7.92 26.29
N LEU A 307 19.28 -8.18 25.03
CA LEU A 307 18.28 -8.00 23.97
C LEU A 307 17.62 -9.27 23.47
N VAL A 308 17.95 -10.44 24.04
CA VAL A 308 17.29 -11.68 23.61
C VAL A 308 15.97 -11.84 24.34
N GLN A 309 16.00 -11.61 25.65
CA GLN A 309 14.78 -11.59 26.46
C GLN A 309 14.85 -10.35 27.27
N ARG A 310 13.90 -9.44 27.07
N ARG A 310 13.90 -9.44 27.08
CA ARG A 310 13.84 -8.27 27.93
CA ARG A 310 13.89 -8.24 27.91
C ARG A 310 12.43 -7.91 28.28
C ARG A 310 12.49 -7.75 28.21
N GLU A 311 12.29 -7.33 29.47
CA GLU A 311 11.02 -6.82 29.93
C GLU A 311 10.75 -5.50 29.22
N VAL A 312 9.55 -5.39 28.69
CA VAL A 312 9.11 -4.21 27.96
C VAL A 312 7.83 -3.73 28.63
N VAL A 313 7.75 -2.44 28.98
CA VAL A 313 6.53 -1.86 29.54
C VAL A 313 5.58 -1.47 28.39
N TYR A 314 4.33 -1.94 28.47
CA TYR A 314 3.34 -1.75 27.39
C TYR A 314 2.07 -1.01 27.82
N GLY A 315 2.23 -0.11 28.79
CA GLY A 315 1.12 0.64 29.37
C GLY A 315 1.12 0.44 30.87
N SER A 316 0.04 0.89 31.52
CA SER A 316 -0.16 0.71 32.96
C SER A 316 -1.59 0.25 33.27
N CYS A 317 -1.79 -0.30 34.46
CA CYS A 317 -3.07 -0.88 34.88
C CYS A 317 -4.16 0.20 35.02
N PRO A 318 -5.41 -0.07 34.57
CA PRO A 318 -6.51 0.93 34.62
C PRO A 318 -6.71 1.63 35.98
N GLN A 319 -6.61 0.88 37.07
CA GLN A 319 -6.73 1.43 38.42
C GLN A 319 -5.46 2.20 38.81
N THR A 320 -4.37 1.47 39.08
CA THR A 320 -3.12 2.05 39.57
C THR A 320 -2.16 2.19 38.39
N GLY A 321 -1.57 3.36 38.22
CA GLY A 321 -0.65 3.62 37.10
C GLY A 321 0.68 2.90 37.23
N ARG A 322 0.65 1.57 37.11
CA ARG A 322 1.80 0.71 37.37
C ARG A 322 2.15 -0.08 36.11
N PRO A 323 3.37 0.11 35.55
CA PRO A 323 3.82 -0.57 34.33
C PRO A 323 3.45 -2.06 34.22
N LEU A 324 2.52 -2.37 33.31
CA LEU A 324 2.29 -3.75 32.85
C LEU A 324 3.44 -4.15 31.93
N VAL A 325 3.83 -5.42 32.00
CA VAL A 325 5.07 -5.91 31.36
C VAL A 325 4.89 -7.29 30.72
N ASP A 326 5.53 -7.51 29.58
CA ASP A 326 5.77 -8.86 29.05
C ASP A 326 7.22 -8.94 28.56
N VAL A 327 7.63 -10.14 28.20
CA VAL A 327 9.01 -10.38 27.81
C VAL A 327 9.04 -10.53 26.29
N ARG A 328 9.93 -9.74 25.67
CA ARG A 328 10.06 -9.68 24.22
C ARG A 328 11.52 -9.76 23.83
N ARG A 329 11.83 -10.07 22.59
CA ARG A 329 13.18 -9.77 22.14
C ARG A 329 13.32 -8.28 21.83
N GLY A 330 14.54 -7.78 21.94
CA GLY A 330 14.86 -6.38 21.73
C GLY A 330 15.57 -6.14 20.40
N PHE A 331 15.53 -7.13 19.52
CA PHE A 331 16.02 -6.97 18.17
C PHE A 331 15.03 -7.54 17.19
N TRP A 332 15.11 -7.09 15.94
CA TRP A 332 14.26 -7.58 14.85
C TRP A 332 15.09 -7.58 13.59
N ILE A 333 15.33 -8.78 13.05
CA ILE A 333 16.02 -8.95 11.78
C ILE A 333 14.98 -9.20 10.68
N HIS A 334 14.95 -8.32 9.69
CA HIS A 334 14.10 -8.44 8.50
C HIS A 334 14.98 -8.74 7.30
N VAL A 335 14.51 -9.68 6.49
CA VAL A 335 15.14 -9.97 5.21
C VAL A 335 14.30 -9.39 4.07
N ASP A 336 14.86 -8.41 3.36
CA ASP A 336 14.22 -7.88 2.18
C ASP A 336 14.59 -8.80 1.01
N GLY A 337 13.74 -9.79 0.81
CA GLY A 337 13.89 -10.78 -0.24
C GLY A 337 12.98 -10.50 -1.40
N ALA A 338 12.66 -9.22 -1.61
CA ALA A 338 11.80 -8.80 -2.73
C ALA A 338 12.09 -9.64 -3.98
N LEU A 339 13.36 -9.69 -4.34
CA LEU A 339 13.81 -10.53 -5.42
C LEU A 339 14.20 -11.92 -4.90
N GLY A 340 15.19 -11.95 -4.03
CA GLY A 340 15.90 -13.20 -3.78
C GLY A 340 15.16 -14.28 -3.02
N ALA A 341 14.13 -13.93 -2.26
CA ALA A 341 13.39 -14.96 -1.52
C ALA A 341 12.61 -15.90 -2.45
N GLY A 342 12.45 -15.47 -3.69
CA GLY A 342 11.83 -16.29 -4.72
C GLY A 342 12.73 -17.33 -5.35
N TYR A 343 14.05 -17.11 -5.40
CA TYR A 343 14.98 -18.12 -5.97
C TYR A 343 15.97 -18.75 -5.00
N ALA A 344 16.32 -18.03 -3.95
CA ALA A 344 17.39 -18.49 -3.06
C ALA A 344 17.13 -19.86 -2.44
N PRO A 345 15.88 -20.15 -2.06
CA PRO A 345 15.59 -21.52 -1.54
C PRO A 345 15.92 -22.62 -2.53
N PHE A 346 15.67 -22.37 -3.82
CA PHE A 346 15.94 -23.38 -4.83
C PHE A 346 17.41 -23.56 -5.12
N LEU A 347 18.17 -22.47 -5.13
CA LEU A 347 19.62 -22.60 -5.28
C LEU A 347 20.20 -23.37 -4.10
N ARG A 348 19.73 -23.07 -2.91
CA ARG A 348 20.21 -23.77 -1.70
C ARG A 348 19.82 -25.26 -1.67
N LEU A 349 18.68 -25.62 -2.24
CA LEU A 349 18.32 -27.04 -2.46
C LEU A 349 19.37 -27.77 -3.28
N ALA A 350 19.81 -27.15 -4.37
CA ALA A 350 20.79 -27.76 -5.23
C ALA A 350 22.13 -27.83 -4.52
N ALA A 351 22.49 -26.79 -3.79
CA ALA A 351 23.77 -26.76 -3.06
C ALA A 351 23.85 -27.90 -2.03
N GLU A 352 22.72 -28.22 -1.39
CA GLU A 352 22.63 -29.33 -0.43
C GLU A 352 22.67 -30.73 -1.10
N ASP A 353 22.20 -30.85 -2.34
CA ASP A 353 22.17 -32.13 -3.07
C ASP A 353 22.57 -31.94 -4.54
N PRO A 354 23.85 -31.59 -4.79
CA PRO A 354 24.23 -31.19 -6.15
C PRO A 354 24.20 -32.36 -7.14
N GLU A 355 24.46 -33.58 -6.67
CA GLU A 355 24.37 -34.73 -7.58
C GLU A 355 22.91 -35.08 -7.90
N GLY A 356 22.00 -34.92 -6.92
CA GLY A 356 20.57 -35.14 -7.12
C GLY A 356 19.90 -34.18 -8.10
N TYR A 357 20.37 -32.93 -8.15
CA TYR A 357 19.84 -31.92 -9.07
C TYR A 357 20.71 -31.73 -10.32
N GLY A 358 21.86 -32.40 -10.37
CA GLY A 358 22.77 -32.31 -11.49
C GLY A 358 23.42 -30.95 -11.66
N TRP A 359 23.60 -30.23 -10.56
CA TRP A 359 24.12 -28.88 -10.59
C TRP A 359 24.74 -28.54 -9.25
N THR A 360 25.99 -28.09 -9.29
CA THR A 360 26.65 -27.44 -8.15
C THR A 360 26.66 -25.94 -8.39
N PRO A 361 25.85 -25.19 -7.63
CA PRO A 361 25.96 -23.75 -7.81
C PRO A 361 27.38 -23.23 -7.54
N GLU A 362 27.87 -22.33 -8.40
CA GLU A 362 29.23 -21.82 -8.22
C GLU A 362 29.36 -20.91 -6.96
N ALA A 363 28.35 -20.14 -6.63
CA ALA A 363 28.39 -19.27 -5.46
C ALA A 363 27.54 -19.86 -4.34
N GLU A 364 27.92 -19.54 -3.10
CA GLU A 364 27.15 -19.97 -1.93
C GLU A 364 26.16 -18.85 -1.61
N LEU A 365 24.89 -19.18 -1.46
CA LEU A 365 23.92 -18.20 -0.96
C LEU A 365 23.69 -18.50 0.51
N PRO A 366 23.65 -17.44 1.33
CA PRO A 366 23.56 -17.58 2.78
C PRO A 366 22.23 -18.16 3.24
N GLU A 367 22.26 -18.95 4.31
CA GLU A 367 21.04 -19.32 5.03
C GLU A 367 20.41 -18.02 5.51
N PHE A 368 19.11 -17.84 5.30
CA PHE A 368 18.49 -16.53 5.53
C PHE A 368 17.13 -16.54 6.16
N ASP A 369 16.54 -17.73 6.33
CA ASP A 369 15.09 -17.85 6.50
C ASP A 369 14.68 -18.15 7.91
N PHE A 370 13.44 -18.59 8.13
CA PHE A 370 12.90 -18.79 9.48
C PHE A 370 13.47 -20.00 10.19
N GLY A 371 14.17 -20.85 9.46
CA GLY A 371 14.81 -22.04 10.01
C GLY A 371 16.18 -21.76 10.58
N LEU A 372 16.71 -20.55 10.35
CA LEU A 372 18.03 -20.19 10.86
C LEU A 372 17.99 -20.05 12.38
N ARG A 373 18.61 -21.01 13.08
CA ARG A 373 18.60 -21.09 14.54
C ARG A 373 20.04 -21.20 15.00
N LEU A 374 20.40 -20.41 15.98
CA LEU A 374 21.77 -20.42 16.51
C LEU A 374 21.80 -20.86 17.96
N PRO A 375 22.92 -21.49 18.37
CA PRO A 375 23.06 -21.81 19.78
C PRO A 375 23.29 -20.58 20.64
N THR A 376 22.67 -20.57 21.81
CA THR A 376 22.84 -19.49 22.78
C THR A 376 24.02 -19.84 23.66
N ALA A 377 24.43 -18.84 24.45
CA ALA A 377 25.50 -19.01 25.45
C ALA A 377 25.21 -20.19 26.41
N GLY A 378 23.95 -20.37 26.79
CA GLY A 378 23.51 -21.50 27.65
C GLY A 378 23.13 -22.80 26.94
N HIS A 379 23.49 -22.92 25.66
CA HIS A 379 23.26 -24.14 24.88
C HIS A 379 21.78 -24.42 24.58
N GLY A 380 20.97 -23.36 24.61
CA GLY A 380 19.64 -23.32 24.01
C GLY A 380 19.77 -22.92 22.54
N GLU A 381 18.64 -22.54 21.94
CA GLU A 381 18.56 -22.17 20.50
C GLU A 381 17.78 -20.88 20.37
N VAL A 382 18.16 -20.03 19.43
CA VAL A 382 17.39 -18.80 19.13
C VAL A 382 17.15 -18.80 17.61
N ASP A 383 15.88 -18.61 17.26
CA ASP A 383 15.45 -18.38 15.88
C ASP A 383 15.70 -16.89 15.53
N MET A 384 16.57 -16.63 14.57
CA MET A 384 17.12 -15.29 14.44
C MET A 384 16.32 -14.29 13.60
N VAL A 385 15.61 -14.77 12.58
CA VAL A 385 14.95 -13.87 11.62
C VAL A 385 13.48 -13.67 12.07
N SER A 386 13.03 -12.43 12.07
CA SER A 386 11.67 -12.10 12.45
C SER A 386 10.71 -11.95 11.27
N SER A 387 11.22 -11.52 10.11
CA SER A 387 10.31 -11.28 8.98
C SER A 387 11.04 -11.34 7.66
N ILE A 388 10.26 -11.62 6.63
CA ILE A 388 10.74 -11.70 5.24
C ILE A 388 9.69 -11.03 4.34
N ALA A 389 10.15 -10.29 3.34
CA ALA A 389 9.30 -9.81 2.25
C ALA A 389 9.78 -10.39 0.94
N MET A 390 8.82 -10.62 0.03
CA MET A 390 9.12 -11.05 -1.33
C MET A 390 8.11 -10.41 -2.29
N SER A 391 8.55 -10.09 -3.49
CA SER A 391 7.66 -9.61 -4.56
C SER A 391 7.32 -10.74 -5.52
N GLY A 392 6.05 -10.88 -5.88
CA GLY A 392 5.62 -11.86 -6.88
C GLY A 392 5.89 -11.47 -8.32
N HIS A 393 5.94 -10.17 -8.57
CA HIS A 393 6.21 -9.60 -9.90
C HIS A 393 7.68 -9.56 -10.26
N LYS A 394 8.55 -10.02 -9.36
CA LYS A 394 9.96 -10.13 -9.61
C LYS A 394 10.27 -11.53 -10.16
N TRP A 395 10.69 -12.47 -9.31
CA TRP A 395 11.13 -13.77 -9.86
C TRP A 395 10.02 -14.59 -10.53
N ALA A 396 8.86 -14.71 -9.90
CA ALA A 396 7.74 -15.45 -10.50
C ALA A 396 7.20 -14.77 -11.76
N GLY A 397 6.97 -13.44 -11.67
CA GLY A 397 6.27 -12.69 -12.70
C GLY A 397 4.80 -12.54 -12.32
N ALA A 398 4.27 -11.35 -12.55
CA ALA A 398 2.84 -11.09 -12.40
C ALA A 398 2.48 -9.91 -13.28
N PRO A 399 1.18 -9.71 -13.55
CA PRO A 399 0.82 -8.55 -14.38
C PRO A 399 0.71 -7.25 -13.62
N TRP A 400 0.87 -7.29 -12.29
CA TRP A 400 0.86 -6.13 -11.44
C TRP A 400 1.67 -6.44 -10.20
N PRO A 401 2.03 -5.40 -9.43
CA PRO A 401 2.80 -5.66 -8.23
C PRO A 401 2.04 -6.47 -7.18
N CYS A 402 2.76 -7.36 -6.53
CA CYS A 402 2.19 -8.22 -5.48
C CYS A 402 3.34 -8.82 -4.70
N GLY A 403 3.02 -9.60 -3.68
CA GLY A 403 4.08 -10.20 -2.90
C GLY A 403 3.58 -10.76 -1.60
N ILE A 404 4.54 -11.02 -0.71
CA ILE A 404 4.27 -11.63 0.58
C ILE A 404 5.01 -10.88 1.66
N TYR A 405 4.32 -10.65 2.78
CA TYR A 405 4.97 -10.37 4.06
C TYR A 405 4.79 -11.58 4.96
N MET A 406 5.85 -12.01 5.63
CA MET A 406 5.71 -13.12 6.59
C MET A 406 6.51 -12.85 7.85
N THR A 407 5.89 -13.18 8.97
CA THR A 407 6.52 -13.11 10.29
C THR A 407 6.03 -14.33 11.10
N LYS A 408 6.05 -14.21 12.42
CA LYS A 408 5.53 -15.24 13.34
C LYS A 408 4.46 -14.66 14.23
N VAL A 409 3.56 -15.52 14.68
CA VAL A 409 2.46 -15.14 15.56
C VAL A 409 2.93 -14.35 16.78
N LYS A 410 4.07 -14.74 17.35
CA LYS A 410 4.60 -14.07 18.53
C LYS A 410 4.94 -12.57 18.34
N TYR A 411 5.07 -12.12 17.09
CA TYR A 411 5.37 -10.74 16.79
C TYR A 411 4.18 -9.91 16.38
N GLN A 412 3.02 -10.52 16.16
CA GLN A 412 1.87 -9.75 15.70
C GLN A 412 1.43 -8.68 16.70
N ILE A 413 1.19 -7.47 16.19
CA ILE A 413 0.73 -6.34 17.00
C ILE A 413 -0.79 -6.30 16.98
N SER A 414 -1.38 -5.80 18.06
CA SER A 414 -2.84 -5.64 18.12
C SER A 414 -3.26 -4.72 16.97
N PRO A 415 -4.34 -5.06 16.22
CA PRO A 415 -4.82 -4.18 15.13
C PRO A 415 -5.07 -2.74 15.63
N PRO A 416 -4.95 -1.73 14.72
CA PRO A 416 -5.12 -0.33 15.17
C PRO A 416 -6.53 -0.04 15.68
N SER A 417 -7.52 -0.77 15.19
CA SER A 417 -8.88 -0.71 15.75
C SER A 417 -9.63 -1.99 15.45
N GLN A 418 -10.82 -2.10 16.05
CA GLN A 418 -11.70 -3.27 15.92
C GLN A 418 -13.08 -2.82 15.44
N PRO A 419 -13.22 -2.62 14.11
CA PRO A 419 -14.54 -2.34 13.53
C PRO A 419 -15.32 -3.61 13.21
N ASP A 420 -16.62 -3.46 13.00
CA ASP A 420 -17.55 -4.60 12.88
C ASP A 420 -17.67 -5.12 11.44
N TYR A 421 -17.40 -4.25 10.48
CA TYR A 421 -18.03 -4.33 9.15
C TYR A 421 -17.27 -5.03 8.01
N ILE A 422 -16.03 -5.44 8.26
CA ILE A 422 -15.33 -6.29 7.30
C ILE A 422 -15.38 -7.79 7.67
N GLY A 423 -15.69 -8.09 8.95
CA GLY A 423 -15.79 -9.46 9.46
C GLY A 423 -14.48 -9.98 10.04
N ALA A 424 -13.41 -9.83 9.27
CA ALA A 424 -12.08 -10.34 9.59
C ALA A 424 -11.26 -9.21 10.23
N PRO A 425 -10.29 -9.53 11.11
CA PRO A 425 -9.49 -8.46 11.73
C PRO A 425 -8.68 -7.62 10.75
N ASP A 426 -8.44 -6.35 11.10
CA ASP A 426 -7.60 -5.44 10.31
C ASP A 426 -6.14 -5.60 10.71
N THR A 427 -5.53 -6.68 10.20
CA THR A 427 -4.16 -7.07 10.58
C THR A 427 -3.14 -6.71 9.52
N THR A 428 -3.56 -6.05 8.43
CA THR A 428 -2.72 -5.83 7.26
C THR A 428 -2.47 -4.34 7.01
N PHE A 429 -1.52 -4.02 6.14
CA PHE A 429 -1.28 -2.60 5.80
C PHE A 429 -2.42 -2.09 4.93
N ALA A 430 -2.67 -2.79 3.81
CA ALA A 430 -3.86 -2.53 2.97
C ALA A 430 -5.15 -2.75 3.72
N GLY A 431 -6.24 -2.18 3.19
CA GLY A 431 -7.60 -2.43 3.63
C GLY A 431 -8.16 -3.50 2.69
N SER A 432 -8.93 -3.11 1.66
CA SER A 432 -9.19 -4.03 0.54
C SER A 432 -7.88 -4.60 0.05
N ARG A 433 -7.86 -5.88 -0.30
CA ARG A 433 -6.63 -6.46 -0.79
C ARG A 433 -6.85 -7.15 -2.12
N ASN A 434 -5.84 -7.10 -2.96
CA ASN A 434 -5.85 -7.79 -4.25
C ASN A 434 -5.96 -9.31 -4.07
N GLY A 435 -7.11 -9.88 -4.44
CA GLY A 435 -7.34 -11.31 -4.39
C GLY A 435 -7.14 -11.98 -5.74
N PHE A 436 -6.71 -11.21 -6.74
CA PHE A 436 -6.32 -11.79 -8.01
C PHE A 436 -4.87 -12.28 -7.91
N SER A 437 -4.01 -11.53 -7.19
CA SER A 437 -2.61 -11.91 -7.05
C SER A 437 -2.42 -13.34 -6.47
N PRO A 438 -3.22 -13.76 -5.46
CA PRO A 438 -3.14 -15.16 -5.04
C PRO A 438 -3.34 -16.17 -6.18
N LEU A 439 -4.26 -15.89 -7.10
CA LEU A 439 -4.48 -16.75 -8.26
C LEU A 439 -3.26 -16.79 -9.16
N ILE A 440 -2.69 -15.60 -9.44
CA ILE A 440 -1.48 -15.51 -10.25
C ILE A 440 -0.39 -16.43 -9.68
N LEU A 441 -0.08 -16.25 -8.39
CA LEU A 441 1.04 -17.01 -7.83
C LEU A 441 0.69 -18.48 -7.64
N TRP A 442 -0.55 -18.80 -7.29
CA TRP A 442 -0.97 -20.20 -7.17
C TRP A 442 -0.79 -20.91 -8.51
N ASP A 443 -1.24 -20.25 -9.57
CA ASP A 443 -1.14 -20.83 -10.91
C ASP A 443 0.32 -21.11 -11.25
N HIS A 444 1.18 -20.13 -10.99
CA HIS A 444 2.63 -20.27 -11.22
C HIS A 444 3.22 -21.42 -10.44
N LEU A 445 2.96 -21.43 -9.14
CA LEU A 445 3.58 -22.43 -8.25
C LEU A 445 3.10 -23.84 -8.55
N SER A 446 1.84 -23.96 -8.98
CA SER A 446 1.26 -25.24 -9.34
C SER A 446 1.89 -25.82 -10.59
N ARG A 447 2.47 -24.96 -11.44
CA ARG A 447 3.01 -25.40 -12.73
C ARG A 447 4.42 -25.95 -12.64
N TYR A 448 5.13 -25.68 -11.56
CA TYR A 448 6.55 -26.01 -11.47
C TYR A 448 6.82 -26.86 -10.24
N SER A 449 7.57 -27.94 -10.41
CA SER A 449 8.12 -28.69 -9.30
C SER A 449 9.29 -27.95 -8.70
N TYR A 450 9.70 -28.39 -7.52
CA TYR A 450 10.96 -27.92 -6.94
C TYR A 450 12.08 -28.10 -7.96
N ARG A 451 12.13 -29.26 -8.63
CA ARG A 451 13.18 -29.47 -9.63
C ARG A 451 13.13 -28.45 -10.78
N ASP A 452 11.92 -28.15 -11.26
CA ASP A 452 11.76 -27.13 -12.30
C ASP A 452 12.25 -25.77 -11.82
N GLN A 453 11.97 -25.45 -10.55
CA GLN A 453 12.39 -24.18 -9.99
C GLN A 453 13.91 -24.12 -9.83
N VAL A 454 14.54 -25.23 -9.47
CA VAL A 454 16.00 -25.31 -9.45
C VAL A 454 16.56 -25.06 -10.86
N GLU A 455 15.96 -25.64 -11.87
CA GLU A 455 16.40 -25.39 -13.26
C GLU A 455 16.30 -23.93 -13.68
N ARG A 456 15.26 -23.24 -13.24
N ARG A 456 15.22 -23.27 -13.25
CA ARG A 456 15.12 -21.82 -13.60
CA ARG A 456 15.03 -21.84 -13.50
C ARG A 456 16.22 -20.95 -13.00
C ARG A 456 16.22 -21.01 -13.01
N ILE A 457 16.59 -21.19 -11.76
CA ILE A 457 17.68 -20.41 -11.17
C ILE A 457 19.05 -20.85 -11.71
N ARG A 458 19.20 -22.15 -12.00
CA ARG A 458 20.43 -22.64 -12.66
C ARG A 458 20.67 -21.94 -13.98
N GLU A 459 19.64 -21.91 -14.81
CA GLU A 459 19.77 -21.30 -16.13
C GLU A 459 20.11 -19.84 -16.03
N ALA A 460 19.48 -19.15 -15.08
CA ALA A 460 19.75 -17.72 -14.93
C ALA A 460 21.18 -17.47 -14.44
N GLN A 461 21.64 -18.27 -13.47
CA GLN A 461 23.02 -18.14 -12.98
C GLN A 461 24.03 -18.36 -14.08
N GLU A 462 23.80 -19.40 -14.86
CA GLU A 462 24.68 -19.75 -15.97
C GLU A 462 24.65 -18.69 -17.08
N LEU A 463 23.48 -18.13 -17.37
CA LEU A 463 23.38 -17.04 -18.37
C LEU A 463 23.99 -15.73 -17.87
N ALA A 464 23.89 -15.45 -16.57
CA ALA A 464 24.57 -14.26 -16.02
C ALA A 464 26.09 -14.40 -16.16
N ALA A 465 26.61 -15.60 -15.90
CA ALA A 465 28.04 -15.87 -16.05
C ALA A 465 28.45 -15.74 -17.53
N TYR A 466 27.60 -16.24 -18.42
CA TYR A 466 27.82 -16.10 -19.86
C TYR A 466 27.88 -14.63 -20.27
N LEU A 467 26.91 -13.85 -19.80
CA LEU A 467 26.90 -12.41 -20.14
C LEU A 467 28.19 -11.71 -19.71
N GLU A 468 28.66 -12.01 -18.51
CA GLU A 468 29.91 -11.42 -18.05
C GLU A 468 31.07 -11.83 -18.92
N ARG A 469 31.13 -13.11 -19.31
CA ARG A 469 32.19 -13.58 -20.22
C ARG A 469 32.14 -12.84 -21.55
N ARG A 470 30.93 -12.72 -22.10
CA ARG A 470 30.78 -12.03 -23.38
C ARG A 470 31.18 -10.55 -23.33
N LEU A 471 30.86 -9.87 -22.24
CA LEU A 471 31.21 -8.46 -22.12
C LEU A 471 32.70 -8.25 -22.02
N THR A 472 33.43 -9.13 -21.29
CA THR A 472 34.88 -8.99 -21.26
C THR A 472 35.51 -9.37 -22.59
N ALA A 473 34.98 -10.38 -23.27
CA ALA A 473 35.42 -10.72 -24.63
C ALA A 473 35.22 -9.52 -25.57
N MET A 474 34.12 -8.80 -25.40
CA MET A 474 33.84 -7.61 -26.24
C MET A 474 34.84 -6.49 -25.98
N GLU A 475 35.23 -6.32 -24.72
CA GLU A 475 36.28 -5.37 -24.40
C GLU A 475 37.56 -5.67 -25.17
N ARG A 476 37.95 -6.93 -25.21
CA ARG A 476 39.17 -7.32 -25.92
C ARG A 476 39.05 -7.23 -27.42
N GLU A 477 37.88 -7.59 -27.98
CA GLU A 477 37.64 -7.49 -29.42
C GLU A 477 37.62 -6.05 -29.92
N LEU A 478 36.93 -5.17 -29.22
CA LEU A 478 36.74 -3.78 -29.68
C LEU A 478 37.75 -2.80 -29.15
N GLY A 479 38.49 -3.18 -28.11
CA GLY A 479 39.45 -2.29 -27.46
C GLY A 479 38.80 -1.14 -26.69
N VAL A 480 37.71 -1.45 -25.99
CA VAL A 480 37.03 -0.44 -25.20
C VAL A 480 36.81 -0.96 -23.82
N GLU A 481 36.62 -0.05 -22.87
CA GLU A 481 36.34 -0.42 -21.50
C GLU A 481 34.84 -0.32 -21.25
N LEU A 482 34.27 -1.44 -20.84
CA LEU A 482 32.85 -1.57 -20.50
C LEU A 482 32.62 -1.68 -18.99
N TRP A 483 33.69 -1.75 -18.19
CA TRP A 483 33.59 -1.89 -16.72
C TRP A 483 32.63 -3.00 -16.26
N PRO A 484 32.63 -4.17 -16.90
CA PRO A 484 31.66 -5.17 -16.48
C PRO A 484 31.90 -5.66 -15.04
N ALA A 485 30.82 -5.88 -14.31
CA ALA A 485 30.92 -6.34 -12.93
C ALA A 485 29.71 -7.23 -12.59
N ARG A 486 29.98 -8.34 -11.92
CA ARG A 486 28.96 -9.25 -11.47
C ARG A 486 29.38 -9.75 -10.13
N THR A 487 28.56 -9.50 -9.12
CA THR A 487 28.79 -10.08 -7.80
C THR A 487 28.56 -11.57 -7.87
N PRO A 488 29.47 -12.37 -7.29
CA PRO A 488 29.30 -13.82 -7.40
C PRO A 488 27.93 -14.26 -6.86
N GLY A 489 27.24 -15.11 -7.62
CA GLY A 489 25.88 -15.57 -7.25
C GLY A 489 24.73 -14.63 -7.59
N ALA A 490 25.03 -13.43 -8.11
CA ALA A 490 23.98 -12.51 -8.51
C ALA A 490 23.49 -12.88 -9.92
N VAL A 491 22.24 -12.55 -10.17
CA VAL A 491 21.65 -12.70 -11.51
C VAL A 491 21.63 -11.37 -12.27
N THR A 492 22.45 -10.41 -11.87
CA THR A 492 22.61 -9.17 -12.61
C THR A 492 24.09 -8.87 -12.90
N VAL A 493 24.32 -8.27 -14.07
CA VAL A 493 25.62 -7.80 -14.47
C VAL A 493 25.52 -6.33 -14.80
N ARG A 494 26.45 -5.54 -14.28
CA ARG A 494 26.49 -4.11 -14.52
C ARG A 494 27.58 -3.83 -15.51
N PHE A 495 27.43 -2.73 -16.25
CA PHE A 495 28.42 -2.30 -17.23
C PHE A 495 28.16 -0.85 -17.62
N ARG A 496 29.06 -0.29 -18.42
CA ARG A 496 28.96 1.10 -18.85
C ARG A 496 27.66 1.38 -19.58
N LYS A 497 27.03 2.50 -19.24
CA LYS A 497 25.81 2.93 -19.93
C LYS A 497 26.04 3.12 -21.42
N PRO A 498 25.29 2.41 -22.26
CA PRO A 498 25.35 2.62 -23.71
C PRO A 498 24.44 3.78 -24.13
N SER A 499 24.22 3.92 -25.42
CA SER A 499 23.38 5.01 -25.94
C SER A 499 21.98 4.99 -25.36
N ALA A 500 21.37 6.17 -25.31
CA ALA A 500 19.98 6.33 -24.87
C ALA A 500 19.00 5.46 -25.64
N GLU A 501 19.21 5.35 -26.95
CA GLU A 501 18.36 4.57 -27.80
C GLU A 501 18.36 3.09 -27.39
N LEU A 502 19.54 2.56 -27.11
CA LEU A 502 19.66 1.15 -26.68
C LEU A 502 19.07 0.96 -25.29
N VAL A 503 19.38 1.89 -24.39
CA VAL A 503 18.82 1.87 -23.04
C VAL A 503 17.30 1.79 -23.09
N ALA A 504 16.69 2.64 -23.92
CA ALA A 504 15.22 2.67 -24.03
C ALA A 504 14.64 1.44 -24.71
N LYS A 505 15.34 0.89 -25.67
CA LYS A 505 14.86 -0.32 -26.35
C LYS A 505 14.78 -1.50 -25.38
N TRP A 506 15.84 -1.68 -24.59
CA TRP A 506 15.98 -2.84 -23.72
C TRP A 506 15.59 -2.58 -22.25
N SER A 507 14.98 -1.42 -21.96
CA SER A 507 14.61 -1.02 -20.59
C SER A 507 15.76 -1.25 -19.61
N LEU A 508 16.94 -0.75 -19.95
CA LEU A 508 18.07 -0.84 -19.05
C LEU A 508 17.91 0.14 -17.93
N SER A 509 18.06 -0.34 -16.70
CA SER A 509 18.04 0.52 -15.53
C SER A 509 19.43 1.10 -15.34
N SER A 510 19.48 2.37 -14.94
CA SER A 510 20.69 3.19 -14.87
C SER A 510 21.01 3.55 -13.44
N GLN A 511 22.29 3.65 -13.12
CA GLN A 511 22.72 4.21 -11.85
C GLN A 511 24.00 4.99 -12.08
N ASP A 512 24.05 6.18 -11.52
CA ASP A 512 25.27 6.96 -11.50
C ASP A 512 25.94 6.71 -10.16
N VAL A 513 27.25 6.61 -10.18
CA VAL A 513 28.03 6.48 -8.96
C VAL A 513 29.10 7.54 -8.98
N LEU A 514 29.47 8.05 -7.80
CA LEU A 514 30.67 8.83 -7.63
C LEU A 514 31.75 7.92 -7.09
N MET A 515 32.86 7.89 -7.81
CA MET A 515 33.93 6.98 -7.50
C MET A 515 34.71 7.45 -6.28
N VAL A 516 34.59 8.74 -5.97
CA VAL A 516 35.01 9.24 -4.67
C VAL A 516 33.84 10.05 -4.13
N PRO A 517 33.25 9.61 -2.99
CA PRO A 517 32.07 10.28 -2.43
C PRO A 517 32.22 11.79 -2.34
N GLY A 518 31.22 12.52 -2.83
CA GLY A 518 31.18 13.98 -2.74
C GLY A 518 31.93 14.77 -3.80
N ASP A 519 32.53 14.06 -4.77
CA ASP A 519 33.27 14.70 -5.86
C ASP A 519 32.56 14.42 -7.19
N GLU A 520 31.90 15.46 -7.70
CA GLU A 520 31.07 15.33 -8.90
C GLU A 520 31.87 15.04 -10.18
N THR A 521 33.19 15.27 -10.14
CA THR A 521 34.07 14.97 -11.27
C THR A 521 34.40 13.48 -11.42
N THR A 522 34.02 12.66 -10.43
CA THR A 522 34.27 11.23 -10.46
C THR A 522 33.02 10.41 -10.83
N ARG A 523 32.04 11.06 -11.46
CA ARG A 523 30.78 10.37 -11.82
C ARG A 523 30.96 9.36 -12.95
N ARG A 524 30.32 8.20 -12.78
CA ARG A 524 30.26 7.15 -13.79
C ARG A 524 28.86 6.69 -13.94
N SER A 525 28.41 6.49 -15.18
CA SER A 525 27.07 6.00 -15.47
C SER A 525 27.11 4.54 -15.84
N TYR A 526 26.42 3.74 -15.04
CA TYR A 526 26.27 2.32 -15.26
C TYR A 526 24.83 1.99 -15.67
N VAL A 527 24.69 0.85 -16.32
CA VAL A 527 23.40 0.17 -16.45
C VAL A 527 23.58 -1.24 -15.92
N HIS A 528 22.46 -1.95 -15.78
CA HIS A 528 22.55 -3.38 -15.56
C HIS A 528 21.56 -4.18 -16.36
N VAL A 529 21.86 -5.45 -16.47
CA VAL A 529 20.98 -6.46 -17.03
C VAL A 529 20.62 -7.45 -15.94
N PHE A 530 19.34 -7.75 -15.80
CA PHE A 530 18.84 -8.77 -14.86
C PHE A 530 18.45 -10.02 -15.65
N VAL A 531 19.11 -11.13 -15.36
CA VAL A 531 18.83 -12.38 -16.06
C VAL A 531 17.72 -13.13 -15.31
N MET A 532 16.50 -12.77 -15.64
CA MET A 532 15.31 -13.42 -15.11
C MET A 532 14.98 -14.65 -15.97
N PRO A 533 14.03 -15.49 -15.52
CA PRO A 533 13.71 -16.68 -16.32
C PRO A 533 13.23 -16.43 -17.74
N SER A 534 12.68 -15.25 -18.01
CA SER A 534 12.29 -14.84 -19.37
C SER A 534 13.45 -14.32 -20.27
N VAL A 535 14.65 -14.24 -19.73
CA VAL A 535 15.82 -13.83 -20.47
C VAL A 535 16.56 -15.08 -20.88
N ASP A 536 16.62 -15.35 -22.18
CA ASP A 536 17.32 -16.53 -22.66
C ASP A 536 18.58 -16.16 -23.43
N ARG A 537 19.31 -17.18 -23.88
CA ARG A 537 20.57 -16.92 -24.56
C ARG A 537 20.37 -16.06 -25.81
N ALA A 538 19.34 -16.36 -26.60
CA ALA A 538 19.11 -15.61 -27.83
C ALA A 538 18.88 -14.12 -27.57
N LYS A 539 18.12 -13.83 -26.52
CA LYS A 539 17.88 -12.44 -26.15
C LYS A 539 19.16 -11.72 -25.76
N LEU A 540 19.97 -12.34 -24.93
CA LEU A 540 21.27 -11.79 -24.57
C LEU A 540 22.19 -11.60 -25.78
N ASP A 541 22.22 -12.58 -26.67
CA ASP A 541 23.05 -12.46 -27.86
C ASP A 541 22.61 -11.33 -28.78
N ALA A 542 21.30 -11.08 -28.84
CA ALA A 542 20.79 -9.97 -29.63
C ALA A 542 21.18 -8.63 -29.03
N LEU A 543 21.06 -8.52 -27.70
CA LEU A 543 21.54 -7.32 -26.99
C LEU A 543 23.03 -7.08 -27.22
N LEU A 544 23.83 -8.14 -27.05
CA LEU A 544 25.27 -8.05 -27.19
C LEU A 544 25.67 -7.62 -28.62
N ALA A 545 24.95 -8.11 -29.62
CA ALA A 545 25.18 -7.67 -31.01
C ALA A 545 24.96 -6.18 -31.20
N GLU A 546 23.94 -5.63 -30.55
CA GLU A 546 23.68 -4.19 -30.60
C GLU A 546 24.71 -3.41 -29.81
N LEU A 547 25.09 -3.90 -28.63
CA LEU A 547 26.09 -3.22 -27.83
C LEU A 547 27.44 -3.05 -28.56
N ALA A 548 27.82 -4.07 -29.33
CA ALA A 548 29.09 -4.06 -30.03
C ALA A 548 29.15 -3.00 -31.12
N GLU A 549 27.99 -2.54 -31.58
CA GLU A 549 27.88 -1.50 -32.61
C GLU A 549 27.34 -0.20 -32.04
N ASP A 550 27.26 -0.08 -30.71
CA ASP A 550 26.62 1.08 -30.10
C ASP A 550 27.59 2.25 -30.09
N PRO A 551 27.12 3.45 -30.48
CA PRO A 551 28.01 4.62 -30.59
C PRO A 551 28.67 5.08 -29.29
N VAL A 552 27.96 5.00 -28.17
CA VAL A 552 28.55 5.36 -26.88
C VAL A 552 29.62 4.34 -26.47
N ILE A 553 29.32 3.06 -26.66
CA ILE A 553 30.30 1.99 -26.33
C ILE A 553 31.54 2.14 -27.22
N LEU A 554 31.34 2.28 -28.52
CA LEU A 554 32.47 2.44 -29.46
C LEU A 554 33.22 3.77 -29.30
N GLY A 555 32.51 4.82 -28.89
CA GLY A 555 33.10 6.14 -28.69
C GLY A 555 33.75 6.32 -27.34
N ALA A 556 33.67 5.29 -26.49
CA ALA A 556 34.19 5.31 -25.13
C ALA A 556 35.61 5.87 -25.07
N PRO A 557 35.80 6.99 -24.34
CA PRO A 557 37.18 7.36 -24.01
C PRO A 557 37.78 6.34 -23.05
N ALA B 18 -32.48 -21.02 6.51
CA ALA B 18 -33.22 -21.84 5.49
C ALA B 18 -32.47 -21.90 4.15
N VAL B 19 -32.01 -20.74 3.69
CA VAL B 19 -31.40 -20.60 2.34
C VAL B 19 -29.98 -21.16 2.29
N ASP B 20 -29.53 -21.53 1.10
CA ASP B 20 -28.20 -22.12 0.90
C ASP B 20 -27.20 -21.15 0.22
N PRO B 21 -26.16 -20.71 0.97
CA PRO B 21 -25.12 -19.89 0.32
C PRO B 21 -24.19 -20.68 -0.60
N GLY B 22 -24.27 -22.02 -0.55
CA GLY B 22 -23.48 -22.89 -1.41
C GLY B 22 -22.13 -23.21 -0.77
N PRO B 23 -21.43 -24.22 -1.32
CA PRO B 23 -20.13 -24.64 -0.76
C PRO B 23 -19.03 -23.58 -0.86
N GLU B 24 -18.22 -23.48 0.19
CA GLU B 24 -16.97 -22.74 0.17
C GLU B 24 -15.91 -23.57 -0.56
N LEU B 25 -14.82 -22.93 -0.94
CA LEU B 25 -13.69 -23.67 -1.51
C LEU B 25 -13.04 -24.55 -0.45
N ASP B 26 -12.53 -25.70 -0.88
CA ASP B 26 -11.92 -26.72 -0.03
C ASP B 26 -10.40 -26.60 -0.15
N GLY B 27 -9.72 -26.32 0.96
CA GLY B 27 -8.26 -26.10 0.95
C GLY B 27 -7.47 -27.25 0.37
N GLY B 28 -7.96 -28.48 0.53
CA GLY B 28 -7.31 -29.66 -0.05
C GLY B 28 -7.12 -29.62 -1.55
N ASP B 29 -8.06 -28.98 -2.26
CA ASP B 29 -7.98 -28.81 -3.70
C ASP B 29 -6.87 -27.85 -4.13
N PHE B 30 -6.41 -26.98 -3.23
CA PHE B 30 -5.45 -25.92 -3.55
C PHE B 30 -4.08 -26.13 -2.96
N ALA B 31 -3.89 -27.16 -2.14
CA ALA B 31 -2.57 -27.42 -1.54
C ALA B 31 -1.55 -27.63 -2.64
N LEU B 32 -0.42 -26.94 -2.50
CA LEU B 32 0.63 -26.91 -3.54
C LEU B 32 1.77 -27.83 -3.13
N PRO B 33 1.87 -28.99 -3.78
CA PRO B 33 2.92 -29.92 -3.37
C PRO B 33 4.27 -29.60 -4.00
N GLU B 34 5.31 -30.21 -3.44
CA GLU B 34 6.67 -30.04 -3.97
C GLU B 34 6.75 -30.31 -5.46
N GLY B 35 6.09 -31.37 -5.93
CA GLY B 35 6.16 -31.76 -7.33
C GLY B 35 5.28 -31.05 -8.33
N GLY B 36 4.53 -30.05 -7.88
CA GLY B 36 3.55 -29.38 -8.72
C GLY B 36 2.27 -30.16 -8.83
N LEU B 37 1.28 -29.55 -9.49
CA LEU B 37 -0.01 -30.21 -9.81
C LEU B 37 -0.08 -30.48 -11.30
N ASP B 38 -0.69 -31.59 -11.70
CA ASP B 38 -0.91 -31.82 -13.14
C ASP B 38 -2.04 -30.94 -13.68
N ASP B 39 -2.13 -30.86 -15.00
CA ASP B 39 -3.05 -29.97 -15.70
C ASP B 39 -4.50 -30.21 -15.29
N ASP B 40 -4.86 -31.48 -15.04
CA ASP B 40 -6.25 -31.80 -14.67
C ASP B 40 -6.61 -31.31 -13.27
N ARG B 41 -5.71 -31.54 -12.32
CA ARG B 41 -5.95 -31.03 -10.98
C ARG B 41 -5.97 -29.50 -10.97
N ARG B 42 -5.09 -28.87 -11.76
CA ARG B 42 -5.06 -27.40 -11.86
C ARG B 42 -6.36 -26.85 -12.41
N LEU B 43 -6.85 -27.45 -13.50
CA LEU B 43 -8.08 -26.97 -14.09
C LEU B 43 -9.28 -27.20 -13.17
N ARG B 44 -9.33 -28.35 -12.52
CA ARG B 44 -10.40 -28.64 -11.56
C ARG B 44 -10.45 -27.57 -10.46
N ALA B 45 -9.29 -27.20 -9.94
CA ALA B 45 -9.20 -26.18 -8.91
C ALA B 45 -9.61 -24.81 -9.41
N LEU B 46 -9.15 -24.41 -10.59
CA LEU B 46 -9.53 -23.12 -11.13
C LEU B 46 -11.03 -23.09 -11.45
N ASP B 47 -11.55 -24.21 -11.91
CA ASP B 47 -13.01 -24.29 -12.12
C ASP B 47 -13.78 -24.13 -10.79
N ALA B 48 -13.30 -24.77 -9.73
CA ALA B 48 -13.95 -24.59 -8.40
C ALA B 48 -13.93 -23.11 -7.99
N VAL B 49 -12.81 -22.42 -8.21
CA VAL B 49 -12.72 -20.98 -7.87
C VAL B 49 -13.74 -20.18 -8.66
N ASP B 50 -13.83 -20.46 -9.96
CA ASP B 50 -14.74 -19.73 -10.82
C ASP B 50 -16.19 -19.97 -10.38
N GLU B 51 -16.53 -21.22 -10.09
CA GLU B 51 -17.89 -21.54 -9.71
C GLU B 51 -18.27 -20.82 -8.42
N TYR B 52 -17.35 -20.80 -7.46
CA TYR B 52 -17.54 -20.10 -6.20
C TYR B 52 -17.68 -18.59 -6.43
N LEU B 53 -16.69 -17.99 -7.07
CA LEU B 53 -16.68 -16.53 -7.28
C LEU B 53 -17.89 -16.06 -8.09
N THR B 54 -18.25 -16.85 -9.10
CA THR B 54 -19.38 -16.47 -9.95
C THR B 54 -20.68 -16.45 -9.14
N ARG B 55 -20.91 -17.47 -8.31
CA ARG B 55 -22.11 -17.50 -7.47
C ARG B 55 -22.13 -16.31 -6.51
N LYS B 56 -21.00 -16.07 -5.85
CA LYS B 56 -20.93 -14.97 -4.86
C LYS B 56 -21.05 -13.61 -5.53
N ARG B 57 -20.42 -13.39 -6.68
CA ARG B 57 -20.47 -12.06 -7.32
C ARG B 57 -21.87 -11.73 -7.78
N LYS B 58 -22.60 -12.74 -8.25
CA LYS B 58 -23.98 -12.52 -8.71
C LYS B 58 -24.93 -12.15 -7.59
N HIS B 59 -24.59 -12.51 -6.35
CA HIS B 59 -25.44 -12.25 -5.19
C HIS B 59 -24.93 -11.18 -4.26
N LEU B 60 -23.74 -10.63 -4.50
CA LEU B 60 -23.19 -9.65 -3.57
C LEU B 60 -24.02 -8.38 -3.67
N VAL B 61 -24.62 -7.98 -2.55
CA VAL B 61 -25.30 -6.69 -2.46
C VAL B 61 -24.97 -5.93 -1.19
N GLY B 62 -24.06 -6.43 -0.35
CA GLY B 62 -23.80 -5.80 0.95
C GLY B 62 -22.58 -4.92 1.06
N TYR B 63 -21.81 -4.76 -0.03
CA TYR B 63 -20.60 -3.96 -0.02
C TYR B 63 -20.62 -2.99 -1.16
N GLN B 64 -19.91 -1.88 -0.99
CA GLN B 64 -19.91 -0.78 -1.96
C GLN B 64 -18.89 -1.08 -3.08
N ALA B 65 -19.14 -2.15 -3.82
CA ALA B 65 -18.23 -2.63 -4.86
C ALA B 65 -19.08 -3.08 -6.06
N THR B 66 -18.94 -2.36 -7.16
CA THR B 66 -19.64 -2.73 -8.40
C THR B 66 -19.12 -4.08 -8.90
N GLN B 67 -20.04 -4.97 -9.22
CA GLN B 67 -19.73 -6.38 -9.54
C GLN B 67 -19.75 -6.72 -11.01
N ASP B 68 -20.31 -5.85 -11.85
CA ASP B 68 -20.40 -6.16 -13.28
C ASP B 68 -19.39 -5.38 -14.08
N MET B 69 -18.50 -6.13 -14.75
CA MET B 69 -17.46 -5.64 -15.67
C MET B 69 -17.11 -6.68 -16.81
N GLN B 70 -18.12 -7.14 -17.54
CA GLN B 70 -17.90 -8.10 -18.66
C GLN B 70 -17.17 -7.47 -19.85
N GLY B 71 -17.54 -6.22 -20.15
CA GLY B 71 -16.96 -5.43 -21.23
C GLY B 71 -15.49 -5.18 -21.02
N THR B 72 -15.14 -4.81 -19.79
CA THR B 72 -13.74 -4.58 -19.51
C THR B 72 -12.92 -5.90 -19.59
N ALA B 73 -13.47 -7.02 -19.13
CA ALA B 73 -12.78 -8.31 -19.28
C ALA B 73 -12.50 -8.65 -20.74
N LEU B 74 -13.52 -8.52 -21.60
CA LEU B 74 -13.30 -8.76 -23.03
C LEU B 74 -12.25 -7.80 -23.63
N ASP B 75 -12.31 -6.54 -23.25
CA ASP B 75 -11.40 -5.53 -23.78
C ASP B 75 -9.96 -5.73 -23.32
N LEU B 76 -9.76 -6.18 -22.08
CA LEU B 76 -8.46 -6.02 -21.43
C LEU B 76 -7.76 -7.31 -21.05
N ALA B 77 -8.39 -8.48 -21.26
CA ALA B 77 -7.74 -9.78 -21.00
C ALA B 77 -6.41 -9.90 -21.73
N ARG B 78 -6.36 -9.32 -22.93
CA ARG B 78 -5.17 -9.28 -23.76
C ARG B 78 -3.91 -8.72 -23.07
N PHE B 79 -4.07 -7.93 -22.01
CA PHE B 79 -2.93 -7.33 -21.31
C PHE B 79 -2.34 -8.19 -20.21
N MET B 80 -3.00 -9.29 -19.86
N MET B 80 -3.05 -9.28 -19.86
CA MET B 80 -2.50 -10.15 -18.78
CA MET B 80 -2.60 -10.22 -18.80
C MET B 80 -1.11 -10.72 -18.97
C MET B 80 -1.16 -10.75 -18.96
N PRO B 81 -0.68 -10.99 -20.22
CA PRO B 81 0.72 -11.40 -20.42
C PRO B 81 1.84 -10.39 -20.09
N ASN B 82 1.51 -9.14 -19.77
CA ASN B 82 2.50 -8.08 -19.52
C ASN B 82 2.71 -7.84 -18.04
N ASN B 83 3.97 -7.74 -17.64
CA ASN B 83 4.34 -7.34 -16.30
C ASN B 83 4.43 -5.82 -16.35
N ILE B 84 3.28 -5.16 -16.23
CA ILE B 84 3.19 -3.72 -16.33
C ILE B 84 3.61 -3.11 -15.00
N ASN B 85 4.37 -2.02 -15.05
CA ASN B 85 4.79 -1.38 -13.81
C ASN B 85 4.91 0.11 -14.03
N ASN B 86 4.08 0.89 -13.32
CA ASN B 86 4.11 2.33 -13.41
C ASN B 86 4.94 2.87 -12.27
N LEU B 87 6.21 2.53 -12.31
CA LEU B 87 7.17 2.80 -11.28
C LEU B 87 7.54 4.28 -11.32
N GLY B 88 7.40 4.94 -10.19
CA GLY B 88 7.68 6.37 -10.10
C GLY B 88 6.48 7.22 -10.45
N ASP B 89 6.75 8.52 -10.41
CA ASP B 89 5.77 9.57 -10.66
C ASP B 89 5.06 9.35 -12.00
N PRO B 90 3.75 9.62 -12.05
CA PRO B 90 3.03 9.38 -13.31
C PRO B 90 3.42 10.29 -14.47
N PHE B 91 4.06 11.43 -14.18
CA PHE B 91 4.30 12.45 -15.21
C PHE B 91 5.66 12.36 -15.91
N GLN B 92 6.40 11.28 -15.67
CA GLN B 92 7.61 10.94 -16.38
C GLN B 92 7.66 9.44 -16.57
N SER B 93 7.95 8.94 -17.78
CA SER B 93 7.97 7.48 -18.05
C SER B 93 8.86 6.71 -17.07
N GLY B 94 10.13 7.12 -17.00
CA GLY B 94 11.16 6.37 -16.27
C GLY B 94 11.73 5.23 -17.09
N GLY B 95 12.61 4.44 -16.48
CA GLY B 95 13.31 3.42 -17.23
C GLY B 95 12.56 2.12 -17.52
N TYR B 96 11.52 1.82 -16.75
CA TYR B 96 10.78 0.58 -16.91
C TYR B 96 9.75 0.88 -18.01
N LYS B 97 10.10 0.53 -19.25
CA LYS B 97 9.28 0.97 -20.38
C LYS B 97 7.94 0.27 -20.54
N PRO B 98 7.77 -0.98 -20.07
CA PRO B 98 6.38 -1.54 -20.10
C PRO B 98 5.50 -0.91 -19.02
N ASN B 99 5.07 0.32 -19.28
CA ASN B 99 4.23 1.06 -18.35
C ASN B 99 3.08 1.70 -19.13
N THR B 100 2.04 2.06 -18.39
CA THR B 100 0.85 2.69 -18.97
C THR B 100 0.67 4.11 -18.44
N LYS B 101 1.77 4.81 -18.17
CA LYS B 101 1.64 6.15 -17.61
C LYS B 101 0.86 7.14 -18.53
N VAL B 102 0.93 6.96 -19.84
CA VAL B 102 0.13 7.81 -20.74
C VAL B 102 -1.37 7.60 -20.47
N VAL B 103 -1.77 6.35 -20.20
CA VAL B 103 -3.17 6.04 -19.87
C VAL B 103 -3.51 6.57 -18.47
N GLU B 104 -2.59 6.39 -17.54
CA GLU B 104 -2.80 6.86 -16.17
C GLU B 104 -3.06 8.38 -16.17
N ARG B 105 -2.26 9.12 -16.92
CA ARG B 105 -2.45 10.56 -17.00
C ARG B 105 -3.80 10.93 -17.60
N ALA B 106 -4.29 10.15 -18.56
CA ALA B 106 -5.60 10.42 -19.15
C ALA B 106 -6.72 10.25 -18.10
N VAL B 107 -6.59 9.21 -17.27
CA VAL B 107 -7.57 8.94 -16.21
C VAL B 107 -7.51 10.06 -15.16
N LEU B 108 -6.30 10.41 -14.74
CA LEU B 108 -6.12 11.50 -13.77
C LEU B 108 -6.69 12.82 -14.29
N ASP B 109 -6.48 13.09 -15.59
CA ASP B 109 -7.00 14.32 -16.22
C ASP B 109 -8.52 14.34 -16.17
N TYR B 110 -9.15 13.19 -16.40
CA TYR B 110 -10.62 13.08 -16.44
C TYR B 110 -11.16 13.41 -15.07
N TYR B 111 -10.60 12.81 -14.03
CA TYR B 111 -11.06 13.09 -12.69
C TYR B 111 -10.68 14.50 -12.22
N ALA B 112 -9.55 15.04 -12.68
CA ALA B 112 -9.14 16.41 -12.36
C ALA B 112 -10.23 17.38 -12.86
N LYS B 113 -10.69 17.17 -14.09
CA LYS B 113 -11.80 17.95 -14.65
C LYS B 113 -13.08 17.75 -13.84
N LEU B 114 -13.39 16.50 -13.54
CA LEU B 114 -14.62 16.17 -12.85
C LEU B 114 -14.69 16.83 -11.46
N TRP B 115 -13.54 16.95 -10.81
CA TRP B 115 -13.40 17.53 -9.46
C TRP B 115 -12.95 19.00 -9.48
N HIS B 116 -13.08 19.67 -10.62
CA HIS B 116 -12.75 21.10 -10.77
C HIS B 116 -11.34 21.50 -10.32
N ALA B 117 -10.38 20.61 -10.56
CA ALA B 117 -8.96 20.90 -10.37
C ALA B 117 -8.45 21.66 -11.57
N GLU B 118 -7.34 22.34 -11.43
CA GLU B 118 -6.70 23.04 -12.54
C GLU B 118 -5.85 22.06 -13.36
N ARG B 119 -6.11 21.97 -14.66
CA ARG B 119 -5.30 21.15 -15.55
C ARG B 119 -4.72 22.02 -16.70
N PRO B 120 -3.67 21.59 -17.39
CA PRO B 120 -2.91 20.37 -17.12
C PRO B 120 -2.09 20.43 -15.83
N HIS B 121 -1.69 19.26 -15.35
CA HIS B 121 -0.63 19.19 -14.35
C HIS B 121 0.59 19.92 -14.89
N ASP B 122 1.17 20.78 -14.09
CA ASP B 122 2.32 21.57 -14.49
C ASP B 122 3.14 21.88 -13.25
N PRO B 123 4.37 21.33 -13.16
CA PRO B 123 5.20 21.56 -11.97
C PRO B 123 5.53 23.03 -11.67
N ALA B 124 5.43 23.88 -12.69
CA ALA B 124 5.62 25.32 -12.55
C ALA B 124 4.35 26.07 -12.18
N ASP B 125 3.21 25.39 -12.08
CA ASP B 125 1.94 26.02 -11.71
C ASP B 125 1.48 25.46 -10.36
N PRO B 126 1.72 26.22 -9.28
CA PRO B 126 1.40 25.71 -7.95
C PRO B 126 -0.05 25.29 -7.76
N GLU B 127 -0.98 25.88 -8.49
CA GLU B 127 -2.38 25.61 -8.32
C GLU B 127 -2.86 24.42 -9.15
N SER B 128 -2.00 23.89 -10.02
CA SER B 128 -2.40 22.80 -10.89
C SER B 128 -2.44 21.51 -10.08
N TYR B 129 -3.22 20.54 -10.58
CA TYR B 129 -3.32 19.27 -9.88
C TYR B 129 -2.03 18.49 -9.94
N TRP B 130 -1.82 17.66 -8.92
CA TRP B 130 -0.91 16.52 -8.99
C TRP B 130 -1.65 15.34 -8.33
N GLY B 131 -1.48 14.15 -8.89
CA GLY B 131 -2.04 12.96 -8.25
C GLY B 131 -1.51 11.73 -8.92
N TYR B 132 -1.94 10.56 -8.45
CA TYR B 132 -1.45 9.32 -8.99
C TYR B 132 -2.43 8.20 -8.69
N MET B 133 -2.31 7.12 -9.44
CA MET B 133 -3.17 5.96 -9.21
C MET B 133 -2.58 4.97 -8.19
N LEU B 134 -3.48 4.53 -7.33
CA LEU B 134 -3.17 3.72 -6.16
C LEU B 134 -3.08 2.25 -6.52
N SER B 135 -2.21 1.55 -5.79
CA SER B 135 -1.99 0.12 -5.95
C SER B 135 -2.71 -0.70 -4.87
N MET B 136 -2.84 -0.14 -3.67
CA MET B 136 -3.87 -0.62 -2.75
C MET B 136 -5.19 0.09 -3.15
N GLY B 137 -6.20 -0.01 -2.31
CA GLY B 137 -7.40 0.81 -2.47
C GLY B 137 -7.26 2.17 -1.82
N SER B 138 -8.40 2.77 -1.44
CA SER B 138 -8.36 4.11 -0.84
C SER B 138 -7.55 4.17 0.44
N THR B 139 -7.28 3.03 1.09
CA THR B 139 -6.36 3.03 2.22
C THR B 139 -5.04 3.70 1.85
N GLU B 140 -4.51 3.39 0.67
CA GLU B 140 -3.30 4.08 0.21
C GLU B 140 -3.49 5.59 0.06
N GLY B 141 -4.65 6.00 -0.45
CA GLY B 141 -4.92 7.43 -0.64
C GLY B 141 -5.10 8.17 0.67
N ASN B 142 -5.77 7.56 1.63
CA ASN B 142 -5.89 8.16 2.98
C ASN B 142 -4.55 8.21 3.71
N MET B 143 -3.74 7.15 3.59
CA MET B 143 -2.41 7.15 4.17
C MET B 143 -1.55 8.21 3.52
N TYR B 144 -1.58 8.30 2.20
CA TYR B 144 -0.80 9.32 1.53
C TYR B 144 -1.25 10.74 1.92
N ALA B 145 -2.56 10.97 1.96
CA ALA B 145 -3.11 12.26 2.32
C ALA B 145 -2.60 12.70 3.69
N LEU B 146 -2.66 11.78 4.65
CA LEU B 146 -2.28 12.11 6.02
C LEU B 146 -0.75 12.27 6.12
N TRP B 147 0.02 11.52 5.33
CA TRP B 147 1.48 11.70 5.27
C TRP B 147 1.84 13.08 4.71
N ASN B 148 1.22 13.38 3.58
CA ASN B 148 1.36 14.66 2.89
C ASN B 148 0.99 15.82 3.82
N ALA B 149 -0.14 15.68 4.51
CA ALA B 149 -0.61 16.71 5.43
C ALA B 149 0.29 16.84 6.65
N ARG B 150 0.67 15.72 7.27
CA ARG B 150 1.58 15.75 8.39
C ARG B 150 2.85 16.53 8.07
N ASP B 151 3.46 16.22 6.93
CA ASP B 151 4.71 16.87 6.55
C ASP B 151 4.53 18.35 6.16
N TYR B 152 3.43 18.62 5.46
CA TYR B 152 3.11 19.98 5.06
C TYR B 152 2.87 20.88 6.26
N LEU B 153 2.08 20.37 7.21
CA LEU B 153 1.70 21.14 8.40
C LEU B 153 2.81 21.19 9.42
N SER B 154 3.75 20.25 9.37
CA SER B 154 4.85 20.18 10.36
C SER B 154 6.12 20.86 9.90
N GLY B 155 6.15 21.38 8.68
CA GLY B 155 7.30 22.11 8.16
C GLY B 155 8.36 21.34 7.40
N LYS B 156 8.06 20.14 6.93
CA LYS B 156 9.00 19.42 6.07
C LYS B 156 9.17 20.13 4.73
N ALA B 157 10.33 19.97 4.09
CA ALA B 157 10.60 20.67 2.83
C ALA B 157 9.67 20.27 1.67
N LEU B 158 9.23 21.27 0.91
CA LEU B 158 8.38 21.02 -0.26
C LEU B 158 9.22 20.78 -1.51
N ILE B 159 8.60 20.28 -2.58
CA ILE B 159 9.23 20.22 -3.90
C ILE B 159 9.48 21.64 -4.44
N GLN B 160 8.46 22.48 -4.44
CA GLN B 160 8.56 23.82 -5.06
C GLN B 160 9.28 24.83 -4.14
N PRO B 161 9.86 25.90 -4.73
CA PRO B 161 10.47 26.95 -3.91
C PRO B 161 9.42 27.89 -3.32
N ARG B 179 8.13 30.34 17.93
CA ARG B 179 7.90 30.54 19.36
C ARG B 179 6.68 29.77 19.88
N ASN B 180 5.58 29.79 19.10
CA ASN B 180 4.36 29.01 19.41
C ASN B 180 4.77 27.54 19.50
N PRO B 181 4.74 26.94 20.71
CA PRO B 181 5.25 25.59 20.86
C PRO B 181 4.43 24.50 20.14
N ASN B 182 3.19 24.82 19.78
CA ASN B 182 2.33 23.86 19.05
C ASN B 182 2.32 24.05 17.54
N ALA B 183 3.13 24.98 17.02
CA ALA B 183 3.15 25.28 15.59
C ALA B 183 3.42 24.08 14.67
N HIS B 184 4.18 23.10 15.15
CA HIS B 184 4.53 21.92 14.35
C HIS B 184 3.89 20.66 14.87
N HIS B 185 2.78 20.78 15.58
CA HIS B 185 2.11 19.63 16.18
C HIS B 185 0.69 19.57 15.60
N PRO B 186 0.54 19.07 14.37
CA PRO B 186 -0.83 18.98 13.80
C PRO B 186 -1.74 18.07 14.60
N VAL B 187 -3.03 18.38 14.56
CA VAL B 187 -4.06 17.65 15.27
C VAL B 187 -5.10 17.22 14.19
N ALA B 188 -5.47 15.94 14.22
CA ALA B 188 -6.42 15.37 13.26
C ALA B 188 -7.85 15.29 13.80
N PHE B 189 -8.81 15.62 12.94
CA PHE B 189 -10.23 15.64 13.25
C PHE B 189 -11.00 14.86 12.17
N TYR B 190 -11.89 14.00 12.60
CA TYR B 190 -12.80 13.36 11.68
C TYR B 190 -13.93 12.75 12.49
N SER B 191 -15.03 12.42 11.81
CA SER B 191 -16.22 11.97 12.50
C SER B 191 -16.16 10.52 12.96
N GLU B 192 -17.12 10.16 13.79
CA GLU B 192 -17.26 8.77 14.25
C GLU B 192 -17.66 7.78 13.16
N ASP B 193 -18.06 8.28 11.99
CA ASP B 193 -18.41 7.43 10.85
C ASP B 193 -17.21 7.23 9.90
N THR B 194 -16.05 7.76 10.27
CA THR B 194 -14.86 7.64 9.43
C THR B 194 -14.37 6.20 9.37
N HIS B 195 -13.87 5.82 8.20
CA HIS B 195 -13.38 4.46 7.94
C HIS B 195 -12.15 4.14 8.78
N TYR B 196 -12.00 2.86 9.12
CA TYR B 196 -10.90 2.41 9.99
C TYR B 196 -9.50 2.62 9.44
N SER B 197 -9.36 2.84 8.14
CA SER B 197 -8.09 3.24 7.57
C SER B 197 -7.49 4.49 8.24
N PHE B 198 -8.31 5.39 8.75
CA PHE B 198 -7.76 6.57 9.45
C PHE B 198 -7.15 6.24 10.81
N ALA B 199 -7.80 5.39 11.60
CA ALA B 199 -7.18 4.93 12.84
C ALA B 199 -5.84 4.26 12.54
N LYS B 200 -5.80 3.49 11.46
CA LYS B 200 -4.58 2.87 11.04
C LYS B 200 -3.53 3.88 10.59
N ALA B 201 -3.91 4.78 9.68
CA ALA B 201 -2.99 5.80 9.18
C ALA B 201 -2.42 6.68 10.28
N VAL B 202 -3.27 7.08 11.23
CA VAL B 202 -2.83 7.89 12.37
C VAL B 202 -1.74 7.16 13.17
N ALA B 203 -1.93 5.86 13.39
CA ALA B 203 -0.94 5.07 14.14
C ALA B 203 0.36 4.88 13.34
N VAL B 204 0.22 4.60 12.07
CA VAL B 204 1.40 4.43 11.19
C VAL B 204 2.24 5.69 11.16
N LEU B 205 1.58 6.81 10.92
CA LEU B 205 2.25 8.09 10.69
C LEU B 205 2.58 8.89 11.94
N GLY B 206 2.07 8.45 13.09
CA GLY B 206 2.27 9.17 14.34
C GLY B 206 1.59 10.54 14.34
N VAL B 207 0.43 10.65 13.71
CA VAL B 207 -0.33 11.91 13.74
C VAL B 207 -1.26 11.80 14.90
N GLU B 208 -1.35 12.85 15.71
CA GLU B 208 -2.18 12.78 16.91
C GLU B 208 -3.58 13.26 16.62
N THR B 209 -4.55 12.49 17.07
CA THR B 209 -5.97 12.89 16.97
C THR B 209 -6.26 13.94 18.04
N PHE B 210 -7.33 14.71 17.84
CA PHE B 210 -7.74 15.69 18.86
C PHE B 210 -8.02 14.99 20.21
N HIS B 211 -8.52 13.75 20.16
CA HIS B 211 -8.78 13.00 21.37
C HIS B 211 -7.49 12.71 22.14
N ALA B 212 -6.46 12.25 21.43
CA ALA B 212 -5.19 11.93 22.08
C ALA B 212 -4.53 13.18 22.70
N VAL B 213 -4.53 14.27 21.93
CA VAL B 213 -3.94 15.53 22.37
C VAL B 213 -4.77 16.07 23.53
N GLY B 214 -6.09 15.99 23.41
CA GLY B 214 -6.98 16.41 24.51
C GLY B 214 -6.65 15.73 25.81
N LEU B 215 -6.58 14.40 25.80
CA LEU B 215 -6.26 13.64 27.01
C LEU B 215 -4.87 13.96 27.55
N GLU B 216 -3.90 14.07 26.64
CA GLU B 216 -2.49 14.28 27.00
C GLU B 216 -2.21 15.67 27.56
N LYS B 217 -2.64 16.71 26.86
CA LYS B 217 -2.28 18.10 27.18
C LYS B 217 -3.39 18.92 27.80
N TYR B 218 -4.66 18.54 27.58
CA TYR B 218 -5.80 19.41 27.86
C TYR B 218 -6.90 18.64 28.57
N ALA B 219 -6.51 17.80 29.53
CA ALA B 219 -7.38 16.71 30.03
C ALA B 219 -8.74 17.17 30.52
N ASP B 220 -8.78 18.31 31.22
CA ASP B 220 -10.03 18.81 31.84
C ASP B 220 -10.71 19.94 31.05
N GLU B 221 -10.25 20.19 29.82
CA GLU B 221 -10.69 21.34 29.03
C GLU B 221 -11.59 20.98 27.84
N CYS B 222 -12.11 19.77 27.77
CA CYS B 222 -12.97 19.45 26.63
C CYS B 222 -14.14 20.45 26.53
N PRO B 223 -14.31 21.11 25.36
CA PRO B 223 -15.38 22.11 25.20
C PRO B 223 -16.78 21.56 24.93
N LEU B 224 -16.90 20.25 24.79
CA LEU B 224 -18.16 19.57 24.50
C LEU B 224 -18.64 18.81 25.73
N VAL B 225 -19.96 18.83 25.94
CA VAL B 225 -20.62 18.03 26.96
C VAL B 225 -21.14 16.74 26.32
N ASP B 226 -20.82 15.59 26.93
CA ASP B 226 -21.26 14.30 26.44
C ASP B 226 -22.77 14.18 26.65
N PRO B 227 -23.55 13.91 25.59
CA PRO B 227 -25.01 13.91 25.79
C PRO B 227 -25.54 12.75 26.63
N VAL B 228 -24.77 11.68 26.80
CA VAL B 228 -25.19 10.56 27.64
C VAL B 228 -24.92 10.83 29.12
N THR B 229 -23.69 11.24 29.43
CA THR B 229 -23.27 11.37 30.82
C THR B 229 -23.32 12.80 31.38
N GLY B 230 -23.38 13.80 30.51
CA GLY B 230 -23.32 15.20 30.92
C GLY B 230 -21.95 15.67 31.38
N LEU B 231 -20.93 14.84 31.20
CA LEU B 231 -19.55 15.16 31.59
C LEU B 231 -18.79 15.71 30.38
N ARG B 232 -17.77 16.51 30.66
CA ARG B 232 -16.90 17.08 29.61
C ARG B 232 -15.75 16.12 29.35
N THR B 233 -16.08 14.95 28.82
CA THR B 233 -15.09 13.94 28.46
C THR B 233 -14.79 14.06 26.97
N TRP B 234 -13.52 13.98 26.63
CA TRP B 234 -13.12 14.10 25.22
C TRP B 234 -13.66 12.90 24.44
N PRO B 235 -14.45 13.16 23.38
CA PRO B 235 -14.93 12.02 22.58
C PRO B 235 -13.80 11.48 21.70
N THR B 236 -13.88 10.19 21.34
CA THR B 236 -12.82 9.55 20.58
C THR B 236 -12.73 10.03 19.12
N GLU B 237 -13.86 10.46 18.57
CA GLU B 237 -13.92 11.09 17.24
C GLU B 237 -14.89 12.25 17.31
N VAL B 238 -14.92 13.08 16.27
CA VAL B 238 -15.89 14.19 16.27
C VAL B 238 -17.27 13.58 16.23
N PRO B 239 -18.19 14.05 17.08
CA PRO B 239 -19.55 13.51 16.95
C PRO B 239 -20.18 13.62 15.57
N SER B 240 -20.91 12.57 15.19
CA SER B 240 -21.80 12.64 14.04
C SER B 240 -23.16 13.14 14.54
N ARG B 241 -24.01 13.54 13.61
N ARG B 241 -24.00 13.55 13.62
CA ARG B 241 -25.30 14.11 13.93
CA ARG B 241 -25.29 14.15 13.95
C ARG B 241 -26.20 13.08 14.62
C ARG B 241 -26.24 13.12 14.57
N PRO B 242 -27.05 13.54 15.55
CA PRO B 242 -27.94 12.59 16.24
C PRO B 242 -29.14 12.15 15.40
N GLY B 243 -29.62 10.95 15.68
CA GLY B 243 -30.89 10.48 15.12
C GLY B 243 -32.05 10.70 16.09
N PRO B 244 -33.20 10.06 15.83
CA PRO B 244 -34.37 10.15 16.73
C PRO B 244 -34.09 9.84 18.21
N SER B 245 -33.12 8.96 18.46
CA SER B 245 -32.67 8.61 19.80
C SER B 245 -31.97 9.73 20.56
N GLY B 246 -31.54 10.80 19.89
CA GLY B 246 -30.67 11.82 20.48
C GLY B 246 -29.18 11.49 20.41
N LEU B 247 -28.88 10.29 19.92
CA LEU B 247 -27.50 9.79 19.86
C LEU B 247 -27.17 9.48 18.40
N SER B 248 -25.89 9.27 18.12
CA SER B 248 -25.50 9.13 16.72
C SER B 248 -25.83 7.76 16.09
N TRP B 249 -26.09 6.71 16.88
CA TRP B 249 -26.28 5.37 16.30
C TRP B 249 -27.38 5.33 15.22
N ASP B 250 -28.47 6.08 15.42
CA ASP B 250 -29.55 6.13 14.42
C ASP B 250 -29.59 7.46 13.66
N GLY B 251 -28.47 8.20 13.71
CA GLY B 251 -28.31 9.41 12.95
C GLY B 251 -27.91 9.13 11.51
N PRO B 252 -27.79 10.20 10.72
CA PRO B 252 -27.52 10.00 9.29
C PRO B 252 -26.08 9.56 8.97
N GLY B 253 -25.14 9.77 9.89
CA GLY B 253 -23.72 9.41 9.67
C GLY B 253 -22.86 10.58 9.18
N GLU B 254 -23.45 11.75 9.13
CA GLU B 254 -22.79 13.00 8.76
C GLU B 254 -22.16 13.64 9.98
N ILE B 255 -20.99 14.24 9.82
CA ILE B 255 -20.29 14.93 10.90
C ILE B 255 -21.18 16.10 11.42
N ASP B 256 -21.17 16.29 12.73
CA ASP B 256 -21.85 17.42 13.38
C ASP B 256 -20.93 18.63 13.21
N VAL B 257 -21.34 19.53 12.32
CA VAL B 257 -20.53 20.68 11.95
C VAL B 257 -20.26 21.59 13.15
N ASP B 258 -21.30 21.84 13.95
N ASP B 258 -21.26 21.81 13.98
CA ASP B 258 -21.17 22.62 15.18
CA ASP B 258 -21.04 22.67 15.13
C ASP B 258 -20.08 22.05 16.10
C ASP B 258 -20.05 22.05 16.12
N ALA B 259 -20.15 20.75 16.37
CA ALA B 259 -19.18 20.04 17.23
C ALA B 259 -17.78 20.13 16.64
N LEU B 260 -17.66 19.91 15.34
CA LEU B 260 -16.37 20.06 14.68
C LEU B 260 -15.77 21.47 14.90
N ALA B 261 -16.61 22.49 14.68
CA ALA B 261 -16.14 23.89 14.77
C ALA B 261 -15.67 24.22 16.19
N VAL B 262 -16.42 23.78 17.19
CA VAL B 262 -16.03 23.97 18.60
C VAL B 262 -14.68 23.34 18.87
N LEU B 263 -14.50 22.11 18.38
CA LEU B 263 -13.25 21.39 18.62
C LEU B 263 -12.08 22.00 17.87
N VAL B 264 -12.28 22.35 16.61
CA VAL B 264 -11.21 22.96 15.82
C VAL B 264 -10.81 24.30 16.42
N GLU B 265 -11.78 25.12 16.80
CA GLU B 265 -11.46 26.41 17.47
C GLU B 265 -10.57 26.18 18.68
N PHE B 266 -10.92 25.19 19.49
CA PHE B 266 -10.15 24.91 20.71
C PHE B 266 -8.68 24.71 20.42
N PHE B 267 -8.39 23.82 19.48
CA PHE B 267 -6.99 23.51 19.16
C PHE B 267 -6.31 24.59 18.36
N ALA B 268 -7.04 25.21 17.45
CA ALA B 268 -6.49 26.32 16.66
C ALA B 268 -6.08 27.49 17.57
N ALA B 269 -6.90 27.77 18.58
CA ALA B 269 -6.56 28.84 19.54
C ALA B 269 -5.30 28.53 20.33
N LYS B 270 -5.02 27.25 20.54
CA LYS B 270 -3.78 26.79 21.22
C LYS B 270 -2.54 26.85 20.34
N GLY B 271 -2.69 27.10 19.03
CA GLY B 271 -1.56 27.22 18.12
C GLY B 271 -1.30 26.02 17.22
N HIS B 272 -2.14 24.99 17.33
CA HIS B 272 -1.98 23.76 16.52
C HIS B 272 -2.45 23.98 15.08
N PRO B 273 -1.68 23.49 14.09
CA PRO B 273 -2.27 23.32 12.75
C PRO B 273 -3.25 22.14 12.76
N VAL B 274 -4.14 22.11 11.77
CA VAL B 274 -5.36 21.31 11.77
C VAL B 274 -5.48 20.47 10.48
N PHE B 275 -5.69 19.17 10.66
CA PHE B 275 -6.03 18.27 9.56
C PHE B 275 -7.49 17.83 9.78
N VAL B 276 -8.32 17.98 8.76
CA VAL B 276 -9.71 17.53 8.83
C VAL B 276 -9.96 16.54 7.69
N ASN B 277 -10.46 15.36 8.02
CA ASN B 277 -10.97 14.43 7.01
C ASN B 277 -12.48 14.49 7.01
N LEU B 278 -13.06 14.59 5.82
CA LEU B 278 -14.52 14.60 5.63
C LEU B 278 -14.89 13.45 4.72
N ASN B 279 -15.91 12.72 5.14
CA ASN B 279 -16.36 11.52 4.43
C ASN B 279 -17.39 11.80 3.36
N LEU B 280 -17.08 11.45 2.11
CA LEU B 280 -18.03 11.64 1.01
C LEU B 280 -18.52 10.26 0.57
N GLY B 281 -19.46 9.71 1.32
CA GLY B 281 -19.98 8.36 1.09
C GLY B 281 -19.36 7.48 2.15
N SER B 282 -19.87 7.57 3.38
CA SER B 282 -19.30 6.88 4.53
C SER B 282 -19.50 5.37 4.47
N THR B 283 -18.66 4.65 5.18
CA THR B 283 -18.62 3.20 4.99
C THR B 283 -19.92 2.46 5.26
N PHE B 284 -20.57 2.73 6.41
CA PHE B 284 -21.76 1.95 6.77
C PHE B 284 -23.06 2.61 6.35
N LYS B 285 -23.15 3.93 6.48
CA LYS B 285 -24.39 4.66 6.18
C LYS B 285 -24.38 5.36 4.82
N GLY B 286 -23.25 5.38 4.12
CA GLY B 286 -23.17 6.09 2.84
C GLY B 286 -23.44 7.58 2.94
N ALA B 287 -23.18 8.17 4.11
CA ALA B 287 -23.41 9.58 4.35
C ALA B 287 -22.41 10.46 3.65
N HIS B 288 -22.82 11.70 3.42
CA HIS B 288 -21.96 12.72 2.82
C HIS B 288 -21.82 13.88 3.81
N ASP B 289 -20.66 14.01 4.41
CA ASP B 289 -20.35 15.19 5.25
C ASP B 289 -20.57 16.43 4.42
N ASP B 290 -21.09 17.47 5.04
CA ASP B 290 -21.42 18.68 4.31
C ASP B 290 -20.16 19.51 4.16
N VAL B 291 -19.40 19.21 3.13
CA VAL B 291 -18.06 19.77 2.97
C VAL B 291 -18.10 21.30 2.85
N ARG B 292 -19.06 21.81 2.08
CA ARG B 292 -19.21 23.27 1.93
C ARG B 292 -19.55 23.91 3.29
N ALA B 293 -20.49 23.34 4.04
CA ALA B 293 -20.83 23.88 5.35
C ALA B 293 -19.66 23.87 6.30
N VAL B 294 -18.91 22.76 6.33
CA VAL B 294 -17.71 22.67 7.15
C VAL B 294 -16.72 23.79 6.79
N CYS B 295 -16.47 23.96 5.51
CA CYS B 295 -15.48 24.95 5.03
C CYS B 295 -15.91 26.37 5.37
N GLU B 296 -17.19 26.68 5.16
CA GLU B 296 -17.73 28.00 5.57
C GLU B 296 -17.59 28.27 7.07
N ARG B 297 -17.84 27.24 7.87
N ARG B 297 -17.86 27.25 7.88
CA ARG B 297 -17.78 27.35 9.32
CA ARG B 297 -17.76 27.38 9.33
C ARG B 297 -16.35 27.40 9.86
C ARG B 297 -16.30 27.54 9.76
N LEU B 298 -15.40 26.73 9.19
CA LEU B 298 -14.01 26.70 9.67
C LEU B 298 -13.14 27.85 9.17
N LEU B 299 -13.41 28.38 7.99
CA LEU B 299 -12.51 29.40 7.43
C LEU B 299 -12.34 30.62 8.36
N PRO B 300 -13.43 31.15 8.92
CA PRO B 300 -13.23 32.25 9.90
C PRO B 300 -12.39 31.91 11.12
N ILE B 301 -12.49 30.67 11.59
CA ILE B 301 -11.67 30.15 12.67
C ILE B 301 -10.19 30.11 12.26
N PHE B 302 -9.93 29.61 11.05
CA PHE B 302 -8.58 29.60 10.52
C PHE B 302 -8.03 31.02 10.37
N GLU B 303 -8.85 31.93 9.89
CA GLU B 303 -8.37 33.30 9.69
C GLU B 303 -8.06 33.97 11.03
N ARG B 304 -8.96 33.83 12.01
CA ARG B 304 -8.77 34.40 13.36
C ARG B 304 -7.49 33.92 14.03
N HIS B 305 -7.12 32.67 13.77
CA HIS B 305 -5.96 32.10 14.45
C HIS B 305 -4.72 31.95 13.57
N GLY B 306 -4.66 32.69 12.46
CA GLY B 306 -3.47 32.79 11.65
C GLY B 306 -3.10 31.51 10.92
N LEU B 307 -4.10 30.74 10.53
CA LEU B 307 -3.87 29.48 9.80
C LEU B 307 -4.10 29.56 8.30
N VAL B 308 -4.52 30.70 7.77
CA VAL B 308 -4.68 30.83 6.30
C VAL B 308 -3.32 30.98 5.62
N GLN B 309 -2.48 31.82 6.18
CA GLN B 309 -1.13 32.02 5.68
C GLN B 309 -0.25 32.22 6.89
N ARG B 310 0.73 31.35 7.05
CA ARG B 310 1.64 31.50 8.16
C ARG B 310 3.06 31.14 7.77
N GLU B 311 4.01 31.78 8.44
CA GLU B 311 5.42 31.42 8.28
C GLU B 311 5.72 30.08 8.95
N VAL B 312 6.50 29.25 8.26
CA VAL B 312 6.87 27.93 8.78
C VAL B 312 8.36 27.74 8.56
N VAL B 313 9.10 27.42 9.64
CA VAL B 313 10.52 27.05 9.54
C VAL B 313 10.66 25.61 9.05
N TYR B 314 11.47 25.42 7.99
CA TYR B 314 11.69 24.09 7.39
C TYR B 314 13.17 23.67 7.36
N GLY B 315 13.92 24.08 8.39
CA GLY B 315 15.33 23.67 8.56
C GLY B 315 16.20 24.74 9.20
N SER B 316 17.51 24.55 9.07
CA SER B 316 18.54 25.53 9.48
C SER B 316 19.95 25.06 9.08
N CYS B 317 20.91 26.00 9.08
CA CYS B 317 22.32 25.70 8.73
C CYS B 317 23.28 26.52 9.61
N PRO B 318 24.55 26.06 9.78
CA PRO B 318 25.51 26.76 10.65
C PRO B 318 26.09 28.06 10.04
N GLN B 319 25.67 29.20 10.58
CA GLN B 319 26.02 30.55 10.09
C GLN B 319 25.48 31.56 11.13
N THR B 320 25.85 32.85 11.03
CA THR B 320 25.23 33.93 11.83
C THR B 320 23.69 33.84 11.84
N GLY B 321 23.11 33.73 10.65
CA GLY B 321 21.69 33.36 10.49
C GLY B 321 21.57 31.84 10.37
N ARG B 322 20.39 31.30 10.60
CA ARG B 322 20.20 29.83 10.59
C ARG B 322 19.01 29.30 9.77
N PRO B 323 17.75 29.56 10.19
CA PRO B 323 16.61 28.80 9.66
C PRO B 323 16.12 29.25 8.28
N LEU B 324 15.55 28.30 7.54
CA LEU B 324 14.89 28.54 6.27
C LEU B 324 13.38 28.57 6.52
N VAL B 325 12.69 29.57 5.97
CA VAL B 325 11.25 29.77 6.19
C VAL B 325 10.50 29.88 4.85
N ASP B 326 9.29 29.33 4.80
CA ASP B 326 8.35 29.62 3.71
C ASP B 326 6.94 29.83 4.27
N VAL B 327 6.02 30.23 3.40
CA VAL B 327 4.64 30.54 3.79
C VAL B 327 3.71 29.43 3.31
N ARG B 328 2.90 28.94 4.23
CA ARG B 328 2.01 27.81 4.01
C ARG B 328 0.69 28.07 4.68
N ARG B 329 -0.35 27.36 4.26
CA ARG B 329 -1.54 27.31 5.09
C ARG B 329 -1.29 26.39 6.29
N GLY B 330 -2.06 26.63 7.36
CA GLY B 330 -1.97 25.87 8.58
C GLY B 330 -3.10 24.89 8.81
N PHE B 331 -3.86 24.63 7.74
CA PHE B 331 -4.90 23.60 7.77
C PHE B 331 -4.83 22.77 6.51
N TRP B 332 -5.42 21.59 6.57
CA TRP B 332 -5.50 20.68 5.41
C TRP B 332 -6.83 19.95 5.50
N ILE B 333 -7.68 20.20 4.50
CA ILE B 333 -8.95 19.51 4.40
C ILE B 333 -8.84 18.40 3.33
N HIS B 334 -9.07 17.16 3.76
CA HIS B 334 -9.03 16.00 2.89
C HIS B 334 -10.45 15.47 2.76
N VAL B 335 -10.81 15.07 1.54
CA VAL B 335 -12.13 14.46 1.30
C VAL B 335 -11.89 12.97 1.01
N ASP B 336 -12.34 12.11 1.90
CA ASP B 336 -12.35 10.66 1.64
C ASP B 336 -13.58 10.33 0.79
N GLY B 337 -13.38 10.42 -0.51
CA GLY B 337 -14.37 10.07 -1.50
C GLY B 337 -14.19 8.67 -2.07
N ALA B 338 -13.59 7.76 -1.29
CA ALA B 338 -13.40 6.38 -1.73
C ALA B 338 -14.57 5.90 -2.58
N LEU B 339 -15.77 6.07 -2.03
CA LEU B 339 -16.98 5.77 -2.74
C LEU B 339 -17.48 7.00 -3.50
N GLY B 340 -17.79 8.07 -2.77
CA GLY B 340 -18.63 9.11 -3.32
C GLY B 340 -18.01 10.02 -4.36
N ALA B 341 -16.69 10.13 -4.43
CA ALA B 341 -16.06 10.99 -5.43
C ALA B 341 -16.28 10.44 -6.86
N GLY B 342 -16.68 9.19 -6.95
CA GLY B 342 -17.01 8.58 -8.24
C GLY B 342 -18.38 8.88 -8.77
N TYR B 343 -19.36 9.17 -7.91
CA TYR B 343 -20.73 9.50 -8.37
C TYR B 343 -21.20 10.91 -8.05
N ALA B 344 -20.68 11.51 -6.98
CA ALA B 344 -21.20 12.81 -6.53
C ALA B 344 -21.11 13.89 -7.62
N PRO B 345 -20.02 13.93 -8.41
CA PRO B 345 -20.00 14.95 -9.50
C PRO B 345 -21.21 14.84 -10.44
N PHE B 346 -21.60 13.61 -10.73
CA PHE B 346 -22.69 13.34 -11.67
C PHE B 346 -24.04 13.67 -11.09
N LEU B 347 -24.26 13.35 -9.82
CA LEU B 347 -25.48 13.77 -9.17
C LEU B 347 -25.57 15.29 -9.19
N ARG B 348 -24.47 15.98 -8.88
CA ARG B 348 -24.44 17.44 -8.85
C ARG B 348 -24.65 18.08 -10.22
N LEU B 349 -24.20 17.43 -11.27
CA LEU B 349 -24.48 17.86 -12.64
C LEU B 349 -25.98 17.87 -12.90
N ALA B 350 -26.67 16.79 -12.52
CA ALA B 350 -28.11 16.73 -12.68
C ALA B 350 -28.79 17.79 -11.82
N ALA B 351 -28.34 17.99 -10.58
CA ALA B 351 -28.92 19.01 -9.70
C ALA B 351 -28.84 20.42 -10.32
N GLU B 352 -27.76 20.68 -11.05
CA GLU B 352 -27.52 21.94 -11.77
C GLU B 352 -28.44 22.11 -13.00
N ASP B 353 -28.74 21.02 -13.70
CA ASP B 353 -29.55 21.06 -14.93
C ASP B 353 -30.59 19.93 -14.94
N PRO B 354 -31.60 20.01 -14.05
CA PRO B 354 -32.51 18.87 -13.92
C PRO B 354 -33.39 18.62 -15.13
N GLU B 355 -33.75 19.66 -15.88
CA GLU B 355 -34.49 19.49 -17.11
C GLU B 355 -33.66 18.81 -18.18
N GLY B 356 -32.40 19.23 -18.30
CA GLY B 356 -31.46 18.66 -19.28
C GLY B 356 -31.21 17.16 -19.10
N TYR B 357 -31.09 16.72 -17.84
CA TYR B 357 -30.91 15.28 -17.54
C TYR B 357 -32.20 14.53 -17.25
N GLY B 358 -33.33 15.24 -17.22
CA GLY B 358 -34.60 14.63 -16.92
C GLY B 358 -34.71 14.06 -15.53
N TRP B 359 -34.02 14.67 -14.57
CA TRP B 359 -33.98 14.13 -13.22
C TRP B 359 -33.62 15.21 -12.23
N THR B 360 -34.43 15.37 -11.19
CA THR B 360 -34.08 16.21 -10.05
C THR B 360 -33.74 15.27 -8.91
N PRO B 361 -32.45 15.23 -8.52
CA PRO B 361 -32.13 14.40 -7.36
C PRO B 361 -32.93 14.83 -6.11
N GLU B 362 -33.39 13.84 -5.37
CA GLU B 362 -34.18 14.08 -4.16
C GLU B 362 -33.39 14.77 -3.04
N ALA B 363 -32.11 14.43 -2.87
CA ALA B 363 -31.27 15.05 -1.85
C ALA B 363 -30.18 15.93 -2.49
N GLU B 364 -29.75 16.94 -1.75
CA GLU B 364 -28.68 17.79 -2.16
C GLU B 364 -27.37 17.13 -1.73
N LEU B 365 -26.40 16.97 -2.65
CA LEU B 365 -25.06 16.54 -2.23
C LEU B 365 -24.20 17.78 -2.18
N PRO B 366 -23.37 17.90 -1.13
CA PRO B 366 -22.62 19.12 -0.92
C PRO B 366 -21.51 19.33 -1.94
N GLU B 367 -21.22 20.59 -2.26
CA GLU B 367 -19.99 20.95 -2.99
C GLU B 367 -18.81 20.49 -2.16
N PHE B 368 -17.87 19.79 -2.78
CA PHE B 368 -16.82 19.11 -2.03
C PHE B 368 -15.45 19.17 -2.65
N ASP B 369 -15.29 19.74 -3.84
CA ASP B 369 -14.12 19.42 -4.66
C ASP B 369 -13.12 20.57 -4.70
N PHE B 370 -12.20 20.52 -5.65
CA PHE B 370 -11.15 21.54 -5.76
C PHE B 370 -11.63 22.89 -6.24
N GLY B 371 -12.86 22.96 -6.74
CA GLY B 371 -13.49 24.22 -7.13
C GLY B 371 -14.07 25.03 -5.99
N LEU B 372 -14.19 24.44 -4.80
CA LEU B 372 -14.80 25.13 -3.66
C LEU B 372 -13.86 26.24 -3.16
N ARG B 373 -14.30 27.49 -3.33
CA ARG B 373 -13.50 28.66 -2.99
C ARG B 373 -14.36 29.60 -2.14
N LEU B 374 -13.80 30.14 -1.06
CA LEU B 374 -14.55 31.00 -0.15
C LEU B 374 -13.82 32.31 0.06
N PRO B 375 -14.59 33.40 0.23
CA PRO B 375 -13.95 34.68 0.55
C PRO B 375 -13.50 34.77 2.01
N THR B 376 -12.52 35.63 2.25
CA THR B 376 -12.02 35.91 3.60
C THR B 376 -12.12 37.40 3.93
N ALA B 377 -11.97 37.71 5.22
CA ALA B 377 -11.91 39.09 5.72
C ALA B 377 -10.74 39.86 5.10
N GLY B 378 -9.57 39.22 4.95
CA GLY B 378 -8.41 39.89 4.36
C GLY B 378 -7.30 39.06 3.76
N HIS B 379 -7.62 37.89 3.20
CA HIS B 379 -6.65 37.04 2.48
C HIS B 379 -7.08 36.70 1.03
N GLY B 380 -8.14 37.32 0.52
CA GLY B 380 -8.70 36.98 -0.80
C GLY B 380 -9.50 35.67 -0.74
N GLU B 381 -9.81 35.12 -1.91
CA GLU B 381 -10.54 33.86 -2.00
C GLU B 381 -9.60 32.70 -1.68
N VAL B 382 -10.10 31.74 -0.91
CA VAL B 382 -9.28 30.60 -0.48
C VAL B 382 -9.86 29.33 -1.07
N ASP B 383 -9.03 28.57 -1.79
CA ASP B 383 -9.41 27.24 -2.29
C ASP B 383 -9.31 26.26 -1.13
N MET B 384 -10.43 25.68 -0.73
CA MET B 384 -10.52 25.08 0.60
C MET B 384 -10.02 23.66 0.74
N VAL B 385 -10.18 22.83 -0.30
CA VAL B 385 -9.87 21.41 -0.18
C VAL B 385 -8.42 21.21 -0.66
N SER B 386 -7.64 20.43 0.10
CA SER B 386 -6.27 20.12 -0.27
C SER B 386 -6.08 18.77 -0.97
N SER B 387 -6.95 17.80 -0.68
CA SER B 387 -6.82 16.47 -1.27
C SER B 387 -8.11 15.72 -1.31
N ILE B 388 -8.16 14.77 -2.24
CA ILE B 388 -9.29 13.85 -2.43
C ILE B 388 -8.71 12.45 -2.71
N ALA B 389 -9.37 11.45 -2.15
CA ALA B 389 -9.14 10.04 -2.48
C ALA B 389 -10.40 9.43 -3.05
N MET B 390 -10.22 8.50 -3.99
CA MET B 390 -11.34 7.72 -4.56
C MET B 390 -10.85 6.30 -4.86
N SER B 391 -11.74 5.32 -4.70
CA SER B 391 -11.51 3.92 -5.07
C SER B 391 -12.11 3.60 -6.40
N GLY B 392 -11.34 2.96 -7.27
CA GLY B 392 -11.84 2.51 -8.57
C GLY B 392 -12.70 1.24 -8.49
N HIS B 393 -12.43 0.41 -7.50
CA HIS B 393 -13.17 -0.84 -7.28
C HIS B 393 -14.48 -0.65 -6.55
N LYS B 394 -14.81 0.59 -6.16
CA LYS B 394 -16.12 0.90 -5.59
C LYS B 394 -17.11 1.26 -6.69
N TRP B 395 -17.30 2.52 -7.02
CA TRP B 395 -18.37 2.88 -7.94
C TRP B 395 -18.15 2.36 -9.37
N ALA B 396 -16.95 2.56 -9.92
CA ALA B 396 -16.66 2.08 -11.28
C ALA B 396 -16.64 0.56 -11.39
N GLY B 397 -15.99 -0.09 -10.42
CA GLY B 397 -15.75 -1.52 -10.45
C GLY B 397 -14.39 -1.82 -11.06
N ALA B 398 -13.67 -2.75 -10.45
CA ALA B 398 -12.38 -3.22 -10.93
C ALA B 398 -12.18 -4.64 -10.42
N PRO B 399 -11.24 -5.40 -11.02
CA PRO B 399 -11.03 -6.75 -10.52
C PRO B 399 -10.08 -6.83 -9.33
N TRP B 400 -9.53 -5.70 -8.90
CA TRP B 400 -8.68 -5.62 -7.73
C TRP B 400 -8.73 -4.17 -7.22
N PRO B 401 -8.27 -3.93 -6.00
CA PRO B 401 -8.29 -2.59 -5.47
C PRO B 401 -7.42 -1.60 -6.23
N CYS B 402 -7.95 -0.39 -6.42
CA CYS B 402 -7.25 0.68 -7.08
C CYS B 402 -7.92 1.99 -6.74
N GLY B 403 -7.39 3.08 -7.26
CA GLY B 403 -8.01 4.38 -7.01
C GLY B 403 -7.07 5.51 -7.35
N ILE B 404 -7.41 6.69 -6.79
CA ILE B 404 -6.74 7.93 -7.10
C ILE B 404 -6.50 8.69 -5.80
N TYR B 405 -5.31 9.26 -5.67
CA TYR B 405 -5.03 10.33 -4.73
C TYR B 405 -4.78 11.58 -5.56
N MET B 406 -5.40 12.70 -5.19
CA MET B 406 -5.12 13.96 -5.91
C MET B 406 -4.98 15.11 -4.91
N THR B 407 -4.05 15.99 -5.21
CA THR B 407 -3.81 17.21 -4.46
C THR B 407 -3.40 18.30 -5.48
N LYS B 408 -2.61 19.29 -5.04
CA LYS B 408 -2.09 20.34 -5.90
C LYS B 408 -0.59 20.41 -5.76
N VAL B 409 0.05 20.90 -6.82
CA VAL B 409 1.49 21.02 -6.91
C VAL B 409 2.09 21.74 -5.69
N LYS B 410 1.40 22.79 -5.24
CA LYS B 410 1.85 23.56 -4.10
C LYS B 410 1.97 22.81 -2.78
N TYR B 411 1.34 21.64 -2.66
CA TYR B 411 1.42 20.84 -1.44
C TYR B 411 2.42 19.69 -1.53
N GLN B 412 2.99 19.42 -2.70
CA GLN B 412 3.89 18.26 -2.83
C GLN B 412 5.12 18.37 -1.94
N ILE B 413 5.43 17.29 -1.25
CA ILE B 413 6.57 17.23 -0.33
C ILE B 413 7.79 16.71 -1.08
N SER B 414 8.96 17.18 -0.69
CA SER B 414 10.19 16.67 -1.28
C SER B 414 10.22 15.14 -1.06
N PRO B 415 10.53 14.35 -2.11
CA PRO B 415 10.57 12.88 -1.96
C PRO B 415 11.53 12.42 -0.86
N PRO B 416 11.29 11.23 -0.25
CA PRO B 416 12.17 10.78 0.85
C PRO B 416 13.61 10.52 0.43
N SER B 417 13.83 10.18 -0.84
CA SER B 417 15.18 10.03 -1.38
C SER B 417 15.15 10.19 -2.89
N GLN B 418 16.34 10.22 -3.50
CA GLN B 418 16.51 10.34 -4.95
C GLN B 418 17.21 9.10 -5.56
N PRO B 419 16.44 8.06 -5.95
CA PRO B 419 16.99 6.87 -6.62
C PRO B 419 17.14 7.00 -8.16
N ASP B 420 18.38 6.90 -8.65
CA ASP B 420 18.68 6.95 -10.09
C ASP B 420 18.01 5.84 -10.91
N TYR B 421 17.76 4.70 -10.26
CA TYR B 421 17.45 3.46 -10.95
C TYR B 421 15.98 3.24 -11.36
N ILE B 422 15.07 4.14 -10.95
CA ILE B 422 13.71 4.09 -11.55
C ILE B 422 13.46 5.11 -12.66
N GLY B 423 14.32 6.15 -12.76
CA GLY B 423 14.26 7.16 -13.84
C GLY B 423 13.11 8.16 -13.77
N ALA B 424 12.43 8.19 -12.63
CA ALA B 424 11.26 9.03 -12.38
C ALA B 424 11.28 9.24 -10.87
N PRO B 425 10.79 10.40 -10.38
CA PRO B 425 10.93 10.60 -8.93
C PRO B 425 10.02 9.70 -8.09
N ASP B 426 10.44 9.45 -6.85
CA ASP B 426 9.69 8.60 -5.91
C ASP B 426 8.72 9.49 -5.16
N THR B 427 7.62 9.84 -5.81
CA THR B 427 6.66 10.78 -5.26
C THR B 427 5.42 10.10 -4.69
N THR B 428 5.39 8.76 -4.68
CA THR B 428 4.19 8.03 -4.37
C THR B 428 4.38 7.18 -3.11
N PHE B 429 3.28 6.66 -2.59
CA PHE B 429 3.37 5.76 -1.43
C PHE B 429 3.97 4.44 -1.88
N ALA B 430 3.35 3.82 -2.88
CA ALA B 430 3.90 2.59 -3.51
C ALA B 430 5.23 2.86 -4.18
N GLY B 431 5.97 1.77 -4.43
CA GLY B 431 7.16 1.77 -5.23
C GLY B 431 6.72 1.38 -6.64
N SER B 432 6.90 0.12 -7.00
CA SER B 432 6.22 -0.43 -8.16
C SER B 432 4.73 -0.12 -8.06
N ARG B 433 4.10 0.27 -9.16
CA ARG B 433 2.68 0.54 -9.14
C ARG B 433 1.93 -0.25 -10.17
N ASN B 434 0.70 -0.61 -9.82
CA ASN B 434 -0.20 -1.29 -10.73
C ASN B 434 -0.52 -0.40 -11.94
N GLY B 435 -0.03 -0.80 -13.10
CA GLY B 435 -0.30 -0.12 -14.37
C GLY B 435 -1.39 -0.80 -15.17
N PHE B 436 -2.02 -1.82 -14.61
CA PHE B 436 -3.18 -2.45 -15.22
C PHE B 436 -4.41 -1.63 -14.79
N SER B 437 -4.44 -1.14 -13.54
CA SER B 437 -5.58 -0.35 -13.06
C SER B 437 -5.90 0.87 -13.93
N PRO B 438 -4.88 1.60 -14.42
CA PRO B 438 -5.19 2.69 -15.37
C PRO B 438 -5.99 2.19 -16.58
N LEU B 439 -5.61 1.02 -17.10
CA LEU B 439 -6.37 0.44 -18.22
C LEU B 439 -7.81 0.13 -17.85
N ILE B 440 -8.02 -0.44 -16.66
CA ILE B 440 -9.37 -0.76 -16.20
C ILE B 440 -10.24 0.49 -16.17
N LEU B 441 -9.73 1.55 -15.52
CA LEU B 441 -10.53 2.78 -15.36
C LEU B 441 -10.68 3.52 -16.69
N TRP B 442 -9.63 3.55 -17.51
CA TRP B 442 -9.71 4.20 -18.81
C TRP B 442 -10.80 3.54 -19.65
N ASP B 443 -10.82 2.22 -19.64
CA ASP B 443 -11.78 1.45 -20.45
C ASP B 443 -13.19 1.79 -19.99
N HIS B 444 -13.41 1.75 -18.67
CA HIS B 444 -14.69 2.14 -18.06
C HIS B 444 -15.13 3.54 -18.47
N LEU B 445 -14.26 4.52 -18.22
CA LEU B 445 -14.59 5.93 -18.48
C LEU B 445 -14.85 6.20 -19.95
N SER B 446 -14.11 5.51 -20.81
CA SER B 446 -14.28 5.66 -22.25
C SER B 446 -15.66 5.17 -22.74
N ARG B 447 -16.30 4.28 -21.98
CA ARG B 447 -17.54 3.59 -22.42
C ARG B 447 -18.76 4.39 -22.02
N TYR B 448 -18.62 5.36 -21.11
CA TYR B 448 -19.80 6.11 -20.61
C TYR B 448 -19.63 7.58 -20.82
N SER B 449 -20.67 8.24 -21.29
CA SER B 449 -20.71 9.68 -21.33
C SER B 449 -21.09 10.19 -19.94
N TYR B 450 -20.90 11.48 -19.74
CA TYR B 450 -21.43 12.14 -18.55
C TYR B 450 -22.90 11.79 -18.37
N ARG B 451 -23.70 11.86 -19.45
CA ARG B 451 -25.11 11.50 -19.37
C ARG B 451 -25.33 10.06 -18.89
N ASP B 452 -24.54 9.11 -19.39
CA ASP B 452 -24.63 7.72 -18.93
C ASP B 452 -24.28 7.60 -17.43
N GLN B 453 -23.29 8.37 -16.99
CA GLN B 453 -22.89 8.35 -15.57
C GLN B 453 -23.98 8.94 -14.67
N VAL B 454 -24.65 9.99 -15.15
CA VAL B 454 -25.81 10.56 -14.45
C VAL B 454 -26.90 9.49 -14.33
N GLU B 455 -27.17 8.76 -15.41
CA GLU B 455 -28.14 7.66 -15.37
C GLU B 455 -27.79 6.57 -14.35
N ARG B 456 -26.52 6.24 -14.20
N ARG B 456 -26.51 6.24 -14.23
CA ARG B 456 -26.14 5.21 -13.24
CA ARG B 456 -26.02 5.27 -13.26
C ARG B 456 -26.39 5.63 -11.80
C ARG B 456 -26.42 5.66 -11.85
N ILE B 457 -26.08 6.87 -11.45
CA ILE B 457 -26.37 7.35 -10.08
C ILE B 457 -27.88 7.55 -9.89
N ARG B 458 -28.59 8.04 -10.92
CA ARG B 458 -30.05 8.14 -10.82
C ARG B 458 -30.71 6.80 -10.49
N GLU B 459 -30.37 5.76 -11.25
CA GLU B 459 -31.00 4.46 -11.06
C GLU B 459 -30.68 3.91 -9.69
N ALA B 460 -29.45 4.10 -9.20
CA ALA B 460 -29.10 3.65 -7.85
C ALA B 460 -29.86 4.39 -6.74
N GLN B 461 -29.98 5.70 -6.89
CA GLN B 461 -30.73 6.50 -5.94
C GLN B 461 -32.17 6.06 -5.89
N GLU B 462 -32.76 5.86 -7.06
CA GLU B 462 -34.17 5.44 -7.14
C GLU B 462 -34.38 4.01 -6.61
N LEU B 463 -33.43 3.12 -6.88
CA LEU B 463 -33.54 1.76 -6.37
C LEU B 463 -33.29 1.69 -4.85
N ALA B 464 -32.44 2.56 -4.32
CA ALA B 464 -32.28 2.66 -2.84
C ALA B 464 -33.59 3.10 -2.18
N ALA B 465 -34.24 4.11 -2.76
CA ALA B 465 -35.54 4.54 -2.26
C ALA B 465 -36.60 3.41 -2.35
N TYR B 466 -36.59 2.68 -3.44
CA TYR B 466 -37.47 1.50 -3.63
C TYR B 466 -37.25 0.46 -2.56
N LEU B 467 -36.00 0.12 -2.32
CA LEU B 467 -35.67 -0.82 -1.25
C LEU B 467 -36.19 -0.40 0.11
N GLU B 468 -35.97 0.86 0.47
CA GLU B 468 -36.52 1.37 1.73
C GLU B 468 -38.04 1.25 1.76
N ARG B 469 -38.70 1.59 0.66
CA ARG B 469 -40.18 1.45 0.59
C ARG B 469 -40.60 0.00 0.79
N ARG B 470 -39.92 -0.92 0.11
CA ARG B 470 -40.30 -2.33 0.21
C ARG B 470 -40.07 -2.91 1.61
N LEU B 471 -39.06 -2.43 2.34
CA LEU B 471 -38.76 -2.93 3.68
C LEU B 471 -39.83 -2.53 4.65
N THR B 472 -40.31 -1.29 4.56
CA THR B 472 -41.39 -0.87 5.44
C THR B 472 -42.70 -1.54 5.07
N ALA B 473 -42.93 -1.80 3.79
CA ALA B 473 -44.12 -2.55 3.36
C ALA B 473 -44.07 -3.98 3.92
N MET B 474 -42.88 -4.57 3.95
CA MET B 474 -42.69 -5.90 4.53
C MET B 474 -43.00 -5.91 6.02
N GLU B 475 -42.58 -4.88 6.73
CA GLU B 475 -42.92 -4.75 8.14
C GLU B 475 -44.43 -4.78 8.37
N ARG B 476 -45.17 -4.07 7.52
CA ARG B 476 -46.64 -4.05 7.59
C ARG B 476 -47.31 -5.36 7.16
N GLU B 477 -46.81 -5.99 6.11
CA GLU B 477 -47.37 -7.25 5.62
C GLU B 477 -47.18 -8.39 6.62
N LEU B 478 -45.96 -8.54 7.11
CA LEU B 478 -45.60 -9.66 7.96
C LEU B 478 -45.69 -9.41 9.45
N GLY B 479 -45.81 -8.15 9.88
CA GLY B 479 -45.83 -7.82 11.30
C GLY B 479 -44.51 -8.08 12.00
N VAL B 480 -43.41 -7.75 11.33
CA VAL B 480 -42.08 -7.89 11.92
C VAL B 480 -41.37 -6.54 11.87
N GLU B 481 -40.34 -6.42 12.71
CA GLU B 481 -39.51 -5.23 12.76
C GLU B 481 -38.29 -5.45 11.88
N LEU B 482 -38.00 -4.50 11.01
CA LEU B 482 -36.79 -4.53 10.19
C LEU B 482 -35.85 -3.36 10.43
N TRP B 483 -36.30 -2.36 11.21
CA TRP B 483 -35.53 -1.18 11.52
C TRP B 483 -34.90 -0.50 10.28
N PRO B 484 -35.63 -0.42 9.16
CA PRO B 484 -34.96 0.14 7.98
C PRO B 484 -34.58 1.61 8.12
N ALA B 485 -33.43 1.97 7.59
CA ALA B 485 -32.93 3.32 7.67
C ALA B 485 -32.10 3.64 6.44
N ARG B 486 -32.31 4.82 5.89
CA ARG B 486 -31.57 5.32 4.73
C ARG B 486 -31.33 6.81 4.88
N THR B 487 -30.06 7.22 4.95
CA THR B 487 -29.73 8.64 4.94
C THR B 487 -30.11 9.21 3.60
N PRO B 488 -30.83 10.37 3.59
CA PRO B 488 -31.22 10.93 2.31
C PRO B 488 -30.02 11.16 1.42
N GLY B 489 -30.13 10.73 0.17
CA GLY B 489 -29.04 10.83 -0.80
C GLY B 489 -28.02 9.70 -0.76
N ALA B 490 -28.13 8.79 0.20
CA ALA B 490 -27.22 7.66 0.27
C ALA B 490 -27.68 6.54 -0.67
N VAL B 491 -26.73 5.76 -1.17
CA VAL B 491 -27.03 4.56 -1.96
C VAL B 491 -26.98 3.27 -1.11
N THR B 492 -27.12 3.38 0.20
CA THR B 492 -27.22 2.21 1.07
C THR B 492 -28.39 2.32 2.00
N VAL B 493 -29.02 1.18 2.28
CA VAL B 493 -30.11 1.06 3.23
C VAL B 493 -29.68 0.03 4.26
N ARG B 494 -29.89 0.36 5.53
CA ARG B 494 -29.56 -0.51 6.65
C ARG B 494 -30.85 -1.10 7.18
N PHE B 495 -30.76 -2.30 7.75
CA PHE B 495 -31.91 -2.98 8.36
C PHE B 495 -31.41 -4.11 9.25
N ARG B 496 -32.33 -4.74 9.98
CA ARG B 496 -32.00 -5.80 10.95
C ARG B 496 -31.29 -6.99 10.32
N LYS B 497 -30.23 -7.47 10.97
CA LYS B 497 -29.47 -8.60 10.45
C LYS B 497 -30.35 -9.86 10.39
N PRO B 498 -30.38 -10.53 9.22
CA PRO B 498 -31.07 -11.80 9.07
C PRO B 498 -30.20 -12.97 9.51
N SER B 499 -30.61 -14.19 9.17
CA SER B 499 -29.82 -15.38 9.49
C SER B 499 -28.43 -15.33 8.90
N ALA B 500 -27.50 -16.02 9.56
CA ALA B 500 -26.15 -16.12 9.06
C ALA B 500 -26.05 -16.64 7.62
N GLU B 501 -26.90 -17.61 7.28
N GLU B 501 -26.91 -17.59 7.28
CA GLU B 501 -26.89 -18.18 5.92
CA GLU B 501 -26.93 -18.19 5.96
C GLU B 501 -27.32 -17.15 4.87
C GLU B 501 -27.35 -17.19 4.87
N LEU B 502 -28.33 -16.33 5.17
CA LEU B 502 -28.73 -15.27 4.24
C LEU B 502 -27.62 -14.20 4.09
N VAL B 503 -27.02 -13.81 5.21
CA VAL B 503 -25.89 -12.87 5.21
C VAL B 503 -24.77 -13.39 4.29
N ALA B 504 -24.45 -14.68 4.41
CA ALA B 504 -23.40 -15.27 3.61
C ALA B 504 -23.76 -15.41 2.14
N LYS B 505 -25.02 -15.66 1.83
CA LYS B 505 -25.43 -15.81 0.47
C LYS B 505 -25.27 -14.50 -0.29
N TRP B 506 -25.71 -13.40 0.33
CA TRP B 506 -25.77 -12.10 -0.34
C TRP B 506 -24.61 -11.15 0.06
N SER B 507 -23.59 -11.68 0.75
CA SER B 507 -22.45 -10.88 1.23
C SER B 507 -22.92 -9.61 1.90
N LEU B 508 -23.80 -9.74 2.87
CA LEU B 508 -24.27 -8.57 3.61
C LEU B 508 -23.21 -8.18 4.60
N SER B 509 -22.80 -6.91 4.58
CA SER B 509 -21.91 -6.38 5.60
C SER B 509 -22.72 -6.08 6.88
N SER B 510 -22.10 -6.33 8.03
CA SER B 510 -22.75 -6.29 9.34
C SER B 510 -22.14 -5.19 10.19
N GLN B 511 -22.96 -4.57 11.03
CA GLN B 511 -22.46 -3.69 12.09
C GLN B 511 -23.33 -3.80 13.32
N ASP B 512 -22.69 -3.96 14.47
CA ASP B 512 -23.37 -3.90 15.76
C ASP B 512 -23.27 -2.50 16.31
N VAL B 513 -24.37 -2.03 16.88
CA VAL B 513 -24.40 -0.75 17.57
C VAL B 513 -24.93 -0.99 18.96
N LEU B 514 -24.47 -0.19 19.91
CA LEU B 514 -25.15 -0.10 21.18
C LEU B 514 -25.96 1.17 21.11
N MET B 515 -27.22 1.04 21.46
CA MET B 515 -28.15 2.14 21.37
C MET B 515 -27.89 3.15 22.47
N VAL B 516 -27.26 2.71 23.57
CA VAL B 516 -26.74 3.62 24.58
C VAL B 516 -25.25 3.27 24.84
N PRO B 517 -24.31 4.14 24.37
CA PRO B 517 -22.87 3.89 24.50
C PRO B 517 -22.44 3.38 25.87
N GLY B 518 -21.66 2.31 25.90
CA GLY B 518 -21.22 1.67 27.14
C GLY B 518 -22.03 0.44 27.55
N ASP B 519 -23.33 0.46 27.30
CA ASP B 519 -24.24 -0.59 27.76
C ASP B 519 -24.38 -1.73 26.73
N GLU B 520 -23.71 -2.84 27.02
CA GLU B 520 -23.73 -4.06 26.19
C GLU B 520 -25.12 -4.70 26.00
N THR B 521 -26.08 -4.39 26.87
CA THR B 521 -27.43 -4.94 26.76
C THR B 521 -28.28 -4.27 25.67
N THR B 522 -27.87 -3.09 25.20
CA THR B 522 -28.62 -2.35 24.18
C THR B 522 -28.15 -2.63 22.75
N ARG B 523 -27.54 -3.79 22.51
CA ARG B 523 -26.96 -4.08 21.19
C ARG B 523 -28.06 -4.35 20.17
N ARG B 524 -27.87 -3.80 18.96
CA ARG B 524 -28.66 -4.16 17.78
C ARG B 524 -27.67 -4.55 16.70
N SER B 525 -28.00 -5.60 15.94
CA SER B 525 -27.19 -6.01 14.80
C SER B 525 -27.87 -5.57 13.52
N TYR B 526 -27.15 -4.77 12.74
CA TYR B 526 -27.60 -4.30 11.43
C TYR B 526 -26.81 -4.94 10.30
N VAL B 527 -27.45 -5.00 9.15
CA VAL B 527 -26.74 -5.19 7.92
C VAL B 527 -27.08 -4.01 7.02
N HIS B 528 -26.37 -3.93 5.90
CA HIS B 528 -26.76 -3.00 4.86
C HIS B 528 -26.68 -3.59 3.50
N VAL B 529 -27.39 -2.95 2.58
CA VAL B 529 -27.33 -3.24 1.17
C VAL B 529 -26.83 -1.97 0.50
N PHE B 530 -25.86 -2.14 -0.40
CA PHE B 530 -25.32 -1.02 -1.21
C PHE B 530 -25.86 -1.16 -2.64
N VAL B 531 -26.59 -0.17 -3.11
CA VAL B 531 -27.17 -0.22 -4.43
C VAL B 531 -26.15 0.36 -5.39
N MET B 532 -25.25 -0.50 -5.89
CA MET B 532 -24.27 -0.15 -6.89
C MET B 532 -24.87 -0.29 -8.28
N PRO B 533 -24.16 0.17 -9.33
CA PRO B 533 -24.77 0.05 -10.67
C PRO B 533 -25.06 -1.39 -11.12
N SER B 534 -24.42 -2.39 -10.54
CA SER B 534 -24.72 -3.79 -10.84
C SER B 534 -25.88 -4.41 -10.04
N VAL B 535 -26.51 -3.60 -9.17
CA VAL B 535 -27.64 -4.03 -8.37
C VAL B 535 -28.87 -3.50 -9.10
N ASP B 536 -29.72 -4.39 -9.58
CA ASP B 536 -30.95 -3.98 -10.24
C ASP B 536 -32.18 -4.42 -9.47
N ARG B 537 -33.35 -4.04 -9.97
CA ARG B 537 -34.60 -4.35 -9.27
C ARG B 537 -34.80 -5.85 -9.04
N ALA B 538 -34.52 -6.66 -10.07
CA ALA B 538 -34.71 -8.10 -9.95
C ALA B 538 -33.87 -8.68 -8.80
N LYS B 539 -32.64 -8.20 -8.69
CA LYS B 539 -31.75 -8.67 -7.62
C LYS B 539 -32.31 -8.31 -6.23
N LEU B 540 -32.74 -7.08 -6.08
CA LEU B 540 -33.31 -6.63 -4.82
C LEU B 540 -34.60 -7.38 -4.50
N ASP B 541 -35.45 -7.60 -5.52
CA ASP B 541 -36.67 -8.36 -5.31
C ASP B 541 -36.41 -9.81 -4.89
N ALA B 542 -35.35 -10.41 -5.44
CA ALA B 542 -34.99 -11.77 -5.07
C ALA B 542 -34.52 -11.81 -3.61
N LEU B 543 -33.70 -10.84 -3.21
CA LEU B 543 -33.28 -10.74 -1.82
C LEU B 543 -34.48 -10.53 -0.88
N LEU B 544 -35.36 -9.61 -1.25
CA LEU B 544 -36.52 -9.31 -0.41
C LEU B 544 -37.44 -10.52 -0.23
N ALA B 545 -37.60 -11.32 -1.27
CA ALA B 545 -38.39 -12.54 -1.17
C ALA B 545 -37.79 -13.52 -0.15
N GLU B 546 -36.46 -13.63 -0.13
CA GLU B 546 -35.79 -14.49 0.85
C GLU B 546 -35.81 -13.90 2.25
N LEU B 547 -35.68 -12.58 2.34
CA LEU B 547 -35.77 -11.91 3.63
C LEU B 547 -37.14 -12.14 4.32
N ALA B 548 -38.20 -12.16 3.51
CA ALA B 548 -39.56 -12.37 4.03
C ALA B 548 -39.80 -13.76 4.60
N GLU B 549 -38.94 -14.71 4.26
CA GLU B 549 -39.06 -16.09 4.75
C GLU B 549 -37.91 -16.48 5.66
N ASP B 550 -37.11 -15.51 6.07
CA ASP B 550 -35.90 -15.80 6.84
C ASP B 550 -36.25 -16.10 8.30
N PRO B 551 -35.66 -17.15 8.89
CA PRO B 551 -36.07 -17.52 10.25
C PRO B 551 -35.76 -16.48 11.31
N VAL B 552 -34.67 -15.71 11.14
CA VAL B 552 -34.36 -14.66 12.12
C VAL B 552 -35.33 -13.48 11.98
N ILE B 553 -35.60 -13.10 10.73
CA ILE B 553 -36.52 -11.98 10.49
C ILE B 553 -37.92 -12.31 10.98
N LEU B 554 -38.39 -13.52 10.72
CA LEU B 554 -39.72 -13.92 11.17
C LEU B 554 -39.85 -14.08 12.69
N GLY B 555 -38.77 -14.47 13.34
CA GLY B 555 -38.68 -14.43 14.83
C GLY B 555 -38.89 -15.79 15.48
OAU G06 C . 8.83 -1.82 -6.19
PAT G06 C . 8.28 -2.85 -5.15
OAV G06 C . 7.61 -4.05 -5.77
OAW G06 C . 7.44 -2.11 -4.13
OAS G06 C . 9.58 -3.44 -4.40
CAR G06 C . 10.46 -2.53 -3.78
CAQ G06 C . 11.76 -3.18 -3.66
CAX G06 C . 12.17 -3.58 -2.40
NAY G06 C . 13.40 -4.20 -2.16
CAB G06 C . 14.24 -4.45 -3.17
CAA G06 C . 15.51 -5.17 -2.83
CAC G06 C . 13.87 -4.08 -4.46
OAD G06 C . 14.80 -4.35 -5.44
CAE G06 C . 12.63 -3.45 -4.75
CAF G06 C . 12.22 -3.03 -6.04
N G06 C . 12.99 -3.13 -7.06
CA G06 C . 12.66 -2.61 -8.40
C G06 C . 13.33 -1.25 -8.48
O G06 C . 13.37 -0.41 -7.57
OAN G06 C . 13.91 -1.12 -9.65
CAO G06 C . 14.88 -0.11 -9.95
CB G06 C . 11.17 -2.47 -8.75
CG G06 C . 11.01 -2.62 -10.27
SD G06 C . 11.46 -4.28 -10.91
CE G06 C . 9.99 -5.21 -10.42
OAU G06 D . -10.60 -0.87 1.35
PAT G06 D . -9.96 0.30 0.54
OAV G06 D . -10.18 0.16 -0.93
OAW G06 D . -8.51 0.43 0.96
OAS G06 D . -10.77 1.67 0.96
CAR G06 D . -10.79 2.03 2.31
CAQ G06 D . -11.97 2.86 2.52
CAX G06 D . -11.73 4.21 2.75
NAY G06 D . -12.80 5.11 2.97
CAB G06 D . -14.04 4.68 2.94
CAA G06 D . -15.07 5.76 3.15
CAC G06 D . -14.34 3.34 2.71
OAD G06 D . -15.65 2.97 2.72
CAE G06 D . -13.31 2.38 2.48
CAF G06 D . -13.53 0.99 2.31
N G06 D . -14.73 0.47 2.22
CA G06 D . -15.02 -0.97 2.19
C G06 D . -15.13 -1.47 3.62
O G06 D . -14.37 -1.10 4.51
OAN G06 D . -16.21 -2.26 3.80
CAO G06 D . -16.34 -2.92 5.06
CB G06 D . -14.03 -1.85 1.42
CG G06 D . -14.82 -3.05 0.90
SD G06 D . -15.97 -2.55 -0.44
CE G06 D . -14.91 -2.19 -1.84
#